data_2RJR
#
_entry.id   2RJR
#
_cell.length_a   92.245
_cell.length_b   145.648
_cell.length_c   75.114
_cell.angle_alpha   90.000
_cell.angle_beta   90.000
_cell.angle_gamma   90.000
#
_symmetry.space_group_name_H-M   'P 21 21 2'
#
loop_
_entity.id
_entity.type
_entity.pdbx_description
1 polymer 'Tyrosine aminomutase'
2 non-polymer '(2S,3S)-3-(4-fluorophenyl)-2,3-dihydroxypropanoic acid'
3 water water
#
_entity_poly.entity_id   1
_entity_poly.type   'polypeptide(L)'
_entity_poly.pdbx_seq_one_letter_code
;MALTQVETEIVPVSVDGETLTVEAVRRVAEERATVDVPAESIAKAQKSREIFEGIAEQNIPIYGVTTGYGEMIYMQVDKS
KEVELQTNLVRSHSAGVGPLFAEDEARAIVAARLNTLAKGHSAVRPIILERLAQYLNEGITPAIPEIGSLG(MDO)DLAP
LSHVASTLIGEGYVLRDGRPVETAQVLAERGIEPLELRFKEGLALINGTSGMTGLGSLVVGRALEQAQQAEIVTALLIEA
VRGSTSPFLAEGHDIARPHEGQIDTAANMRALMRGSGLTVEHADLRRELQKDKEAGKDVQRSEIYLQKAYSLRAIPQVVG
AVRDTLYHARHKLRIELNSANDNPLFFEGKEIFHGANFHGQPIAFAMDFVTIALTQLGVLAERQINRVLNRHLSYGLPEF
LVSGDPGLHSGFAGAQYPATALVAENRTIGPASTQSVPSNGDNQDVVSMGLISARNARRVLSNNNKILAVEYLAAAQAVD
ISGRFDGLSPAAKATYEAVRRLVPTLGVDRYMADDIELVADALSRGEFLRAIARETDIQLR
;
_entity_poly.pdbx_strand_id   A,B
#
# COMPACT_ATOMS: atom_id res chain seq x y z
N PRO A 12 2.76 2.68 33.48
CA PRO A 12 3.95 2.09 32.82
C PRO A 12 3.52 1.33 31.57
N VAL A 13 4.45 1.15 30.65
CA VAL A 13 4.14 0.41 29.43
C VAL A 13 4.71 -0.99 29.55
N SER A 14 3.86 -1.99 29.35
CA SER A 14 4.28 -3.37 29.46
C SER A 14 4.84 -3.94 28.15
N VAL A 15 6.13 -4.21 28.14
CA VAL A 15 6.80 -4.76 26.97
C VAL A 15 6.85 -6.28 27.19
N ASP A 16 5.81 -6.96 26.68
CA ASP A 16 5.67 -8.40 26.84
C ASP A 16 5.77 -9.24 25.56
N GLY A 17 6.10 -8.60 24.44
CA GLY A 17 6.21 -9.32 23.18
C GLY A 17 4.90 -9.85 22.64
N GLU A 18 3.79 -9.45 23.26
CA GLU A 18 2.47 -9.93 22.86
C GLU A 18 1.42 -8.86 22.62
N THR A 19 1.35 -7.87 23.52
CA THR A 19 0.32 -6.85 23.42
C THR A 19 0.75 -5.41 23.18
N LEU A 20 2.00 -5.18 22.83
CA LEU A 20 2.46 -3.81 22.60
C LEU A 20 1.75 -3.18 21.41
N THR A 21 1.39 -1.91 21.55
CA THR A 21 0.71 -1.19 20.49
C THR A 21 1.59 -0.08 19.95
N VAL A 22 1.20 0.49 18.82
CA VAL A 22 1.94 1.58 18.22
C VAL A 22 1.89 2.78 19.17
N GLU A 23 0.72 3.05 19.73
CA GLU A 23 0.57 4.13 20.69
C GLU A 23 1.52 3.96 21.87
N ALA A 24 1.59 2.76 22.39
CA ALA A 24 2.43 2.46 23.56
C ALA A 24 3.89 2.76 23.23
N VAL A 25 4.28 2.47 21.99
CA VAL A 25 5.65 2.71 21.57
C VAL A 25 5.93 4.21 21.62
N ARG A 26 5.00 5.00 21.10
CA ARG A 26 5.17 6.45 21.11
C ARG A 26 5.24 7.02 22.53
N ARG A 27 4.43 6.47 23.43
CA ARG A 27 4.45 6.93 24.83
C ARG A 27 5.85 6.75 25.40
N VAL A 28 6.41 5.57 25.18
CA VAL A 28 7.75 5.25 25.66
C VAL A 28 8.79 6.13 24.99
N ALA A 29 8.69 6.26 23.67
CA ALA A 29 9.65 7.05 22.91
C ALA A 29 9.52 8.57 23.03
N GLU A 30 8.29 9.07 22.86
CA GLU A 30 8.03 10.49 22.89
C GLU A 30 7.78 11.07 24.29
N GLU A 31 6.99 10.37 25.09
CA GLU A 31 6.66 10.86 26.43
C GLU A 31 7.55 10.29 27.53
N ARG A 32 8.59 9.56 27.14
CA ARG A 32 9.51 8.99 28.11
C ARG A 32 8.80 8.13 29.15
N ALA A 33 7.75 7.44 28.73
CA ALA A 33 7.00 6.57 29.64
C ALA A 33 7.87 5.41 30.13
N THR A 34 7.69 5.06 31.39
CA THR A 34 8.43 3.97 32.00
C THR A 34 8.03 2.64 31.38
N VAL A 35 9.01 1.78 31.18
CA VAL A 35 8.79 0.46 30.60
C VAL A 35 8.93 -0.60 31.68
N ASP A 36 8.18 -1.68 31.54
CA ASP A 36 8.25 -2.79 32.49
C ASP A 36 8.06 -4.10 31.76
N VAL A 37 9.07 -4.96 31.85
CA VAL A 37 8.99 -6.29 31.24
C VAL A 37 8.39 -7.17 32.32
N PRO A 38 7.14 -7.62 32.12
CA PRO A 38 6.45 -8.49 33.09
C PRO A 38 7.22 -9.74 33.51
N ALA A 39 7.02 -10.14 34.77
CA ALA A 39 7.70 -11.31 35.31
C ALA A 39 7.49 -12.54 34.44
N GLU A 40 6.32 -12.65 33.83
CA GLU A 40 6.01 -13.79 32.97
C GLU A 40 6.94 -13.83 31.77
N SER A 41 7.21 -12.67 31.18
CA SER A 41 8.10 -12.59 30.03
C SER A 41 9.51 -12.99 30.47
N ILE A 42 9.99 -12.38 31.56
CA ILE A 42 11.31 -12.71 32.07
C ILE A 42 11.43 -14.23 32.31
N ALA A 43 10.39 -14.81 32.89
CA ALA A 43 10.36 -16.25 33.17
C ALA A 43 10.47 -17.07 31.89
N LYS A 44 9.70 -16.69 30.87
CA LYS A 44 9.72 -17.42 29.60
C LYS A 44 11.08 -17.30 28.92
N ALA A 45 11.67 -16.11 29.02
CA ALA A 45 13.00 -15.87 28.48
C ALA A 45 13.99 -16.79 29.17
N GLN A 46 13.96 -16.77 30.48
CA GLN A 46 14.75 -17.61 31.29
C GLN A 46 14.66 -19.09 30.91
N LYS A 47 13.47 -19.65 30.85
CA LYS A 47 13.23 -20.93 30.35
C LYS A 47 13.75 -21.28 28.99
N SER A 48 13.61 -20.38 28.07
CA SER A 48 14.15 -20.57 26.72
C SER A 48 15.68 -20.56 26.78
N ARG A 49 16.23 -19.63 27.55
CA ARG A 49 17.68 -19.51 27.68
C ARG A 49 18.31 -20.77 28.26
N GLU A 50 17.72 -21.29 29.34
CA GLU A 50 18.26 -22.49 29.97
C GLU A 50 18.31 -23.66 29.01
N ILE A 51 17.19 -23.93 28.35
CA ILE A 51 17.15 -25.05 27.41
C ILE A 51 18.12 -24.81 26.26
N PHE A 52 18.12 -23.60 25.71
CA PHE A 52 19.01 -23.27 24.59
C PHE A 52 20.47 -23.46 24.96
N GLU A 53 20.86 -22.97 26.13
CA GLU A 53 22.25 -23.10 26.58
C GLU A 53 22.68 -24.57 26.62
N GLY A 54 21.76 -25.44 27.03
CA GLY A 54 22.06 -26.85 27.10
C GLY A 54 22.42 -27.40 25.73
N ILE A 55 21.80 -26.83 24.70
CA ILE A 55 22.04 -27.26 23.33
C ILE A 55 23.35 -26.70 22.77
N ALA A 56 23.61 -25.42 23.03
CA ALA A 56 24.83 -24.78 22.55
C ALA A 56 26.05 -25.44 23.20
N GLU A 57 25.88 -25.92 24.43
CA GLU A 57 26.96 -26.58 25.16
C GLU A 57 27.38 -27.88 24.48
N GLN A 58 26.46 -28.44 23.68
CA GLN A 58 26.73 -29.69 22.97
C GLN A 58 27.61 -29.45 21.75
N ASN A 59 28.04 -28.20 21.57
CA ASN A 59 28.66 -27.78 20.32
C ASN A 59 27.90 -28.28 19.10
N ILE A 60 26.59 -28.02 19.07
CA ILE A 60 25.77 -28.37 17.92
C ILE A 60 25.66 -27.21 16.94
N PRO A 61 25.54 -27.53 15.66
CA PRO A 61 25.49 -26.51 14.61
C PRO A 61 24.27 -25.60 14.77
N ILE A 62 24.52 -24.32 15.06
CA ILE A 62 23.44 -23.34 15.20
C ILE A 62 23.93 -22.05 14.56
N TYR A 63 23.17 -21.52 13.60
CA TYR A 63 23.57 -20.28 12.92
C TYR A 63 23.87 -19.11 13.85
N GLY A 64 25.04 -18.52 13.65
CA GLY A 64 25.43 -17.37 14.45
C GLY A 64 25.80 -17.68 15.89
N VAL A 65 25.70 -18.95 16.25
CA VAL A 65 26.05 -19.37 17.61
C VAL A 65 27.29 -20.22 17.55
N THR A 66 27.30 -21.17 16.62
CA THR A 66 28.44 -22.06 16.41
C THR A 66 28.84 -22.09 14.94
N THR A 67 28.57 -20.98 14.24
CA THR A 67 28.92 -20.85 12.82
C THR A 67 29.17 -19.37 12.51
N GLY A 68 29.76 -19.12 11.33
CA GLY A 68 30.01 -17.76 10.92
C GLY A 68 28.69 -17.11 10.54
N TYR A 69 28.73 -15.83 10.20
CA TYR A 69 27.51 -15.11 9.85
C TYR A 69 27.28 -14.90 8.36
N GLY A 70 26.00 -14.86 7.98
CA GLY A 70 25.64 -14.68 6.60
C GLY A 70 26.26 -15.75 5.71
N GLU A 71 26.89 -15.32 4.64
CA GLU A 71 27.54 -16.23 3.69
C GLU A 71 28.58 -17.13 4.36
N MET A 72 29.25 -16.61 5.39
CA MET A 72 30.28 -17.38 6.09
C MET A 72 29.73 -18.40 7.07
N ILE A 73 28.49 -18.82 6.84
CA ILE A 73 27.84 -19.81 7.69
C ILE A 73 28.54 -21.16 7.46
N TYR A 74 29.31 -21.26 6.38
CA TYR A 74 30.02 -22.49 6.07
C TYR A 74 31.18 -22.70 7.05
N MET A 75 31.48 -21.66 7.84
CA MET A 75 32.56 -21.74 8.83
C MET A 75 31.96 -22.20 10.16
N GLN A 76 32.49 -23.29 10.71
CA GLN A 76 32.01 -23.81 11.98
C GLN A 76 32.88 -23.27 13.10
N VAL A 77 32.24 -22.70 14.13
CA VAL A 77 32.96 -22.12 15.25
C VAL A 77 32.69 -22.88 16.55
N ASP A 78 33.76 -23.27 17.24
CA ASP A 78 33.66 -24.02 18.48
C ASP A 78 33.10 -23.17 19.62
N LYS A 79 32.30 -23.82 20.47
CA LYS A 79 31.67 -23.14 21.61
C LYS A 79 32.63 -22.38 22.50
N SER A 80 33.92 -22.72 22.45
CA SER A 80 34.90 -22.02 23.27
C SER A 80 35.07 -20.58 22.81
N LYS A 81 34.55 -20.27 21.62
CA LYS A 81 34.64 -18.93 21.05
C LYS A 81 33.36 -18.14 21.27
N GLU A 82 32.53 -18.64 22.19
CA GLU A 82 31.25 -18.03 22.51
C GLU A 82 31.18 -16.50 22.53
N VAL A 83 31.91 -15.87 23.43
CA VAL A 83 31.89 -14.42 23.57
C VAL A 83 32.51 -13.62 22.43
N GLU A 84 33.65 -14.07 21.93
CA GLU A 84 34.32 -13.37 20.85
C GLU A 84 33.49 -13.36 19.57
N LEU A 85 32.84 -14.49 19.29
CA LEU A 85 31.98 -14.60 18.11
C LEU A 85 30.90 -13.54 18.12
N GLN A 86 30.18 -13.44 19.23
CA GLN A 86 29.10 -12.46 19.37
C GLN A 86 29.65 -11.04 19.32
N THR A 87 30.82 -10.85 19.90
CA THR A 87 31.43 -9.52 19.98
C THR A 87 31.97 -9.02 18.64
N ASN A 88 32.71 -9.87 17.94
CA ASN A 88 33.27 -9.50 16.64
C ASN A 88 32.11 -9.09 15.72
N LEU A 89 31.00 -9.82 15.85
CA LEU A 89 29.80 -9.55 15.05
C LEU A 89 29.29 -8.13 15.26
N VAL A 90 29.01 -7.79 16.52
CA VAL A 90 28.49 -6.47 16.86
C VAL A 90 29.44 -5.38 16.41
N ARG A 91 30.72 -5.55 16.71
CA ARG A 91 31.75 -4.59 16.32
C ARG A 91 31.81 -4.44 14.79
N SER A 92 31.94 -5.56 14.10
CA SER A 92 32.24 -5.56 12.67
C SER A 92 31.06 -5.03 11.87
N HIS A 93 29.87 -5.12 12.44
CA HIS A 93 28.67 -4.64 11.78
C HIS A 93 28.23 -3.24 12.18
N SER A 94 28.87 -2.68 13.20
CA SER A 94 28.54 -1.31 13.59
C SER A 94 29.22 -0.46 12.53
N ALA A 95 28.58 -0.36 11.37
CA ALA A 95 29.11 0.40 10.24
C ALA A 95 28.10 1.40 9.71
N GLY A 96 27.25 1.92 10.59
CA GLY A 96 26.24 2.88 10.17
C GLY A 96 26.85 4.21 9.78
N VAL A 97 26.21 4.92 8.85
CA VAL A 97 26.69 6.22 8.41
C VAL A 97 25.54 7.23 8.34
N GLY A 98 25.87 8.46 8.00
CA GLY A 98 24.86 9.50 7.90
C GLY A 98 24.49 10.10 9.24
N PRO A 99 23.41 10.88 9.30
CA PRO A 99 22.96 11.53 10.54
C PRO A 99 22.53 10.49 11.57
N LEU A 100 22.47 10.91 12.82
CA LEU A 100 22.06 10.03 13.91
C LEU A 100 20.57 10.19 14.14
N PHE A 101 19.90 9.14 14.57
CA PHE A 101 18.47 9.23 14.84
C PHE A 101 18.25 10.13 16.05
N ALA A 102 17.08 10.77 16.11
CA ALA A 102 16.76 11.63 17.24
C ALA A 102 16.55 10.72 18.46
N GLU A 103 16.57 11.31 19.64
CA GLU A 103 16.40 10.53 20.86
C GLU A 103 15.11 9.72 20.92
N ASP A 104 14.00 10.33 20.48
CA ASP A 104 12.73 9.61 20.50
C ASP A 104 12.73 8.46 19.50
N GLU A 105 13.35 8.68 18.34
CA GLU A 105 13.44 7.64 17.32
C GLU A 105 14.29 6.50 17.84
N ALA A 106 15.43 6.84 18.43
CA ALA A 106 16.33 5.83 18.98
C ALA A 106 15.62 5.01 20.06
N ARG A 107 14.85 5.68 20.90
CA ARG A 107 14.10 5.00 21.95
C ARG A 107 13.06 4.03 21.38
N ALA A 108 12.37 4.44 20.32
CA ALA A 108 11.37 3.59 19.69
C ALA A 108 12.00 2.30 19.17
N ILE A 109 13.19 2.45 18.60
CA ILE A 109 13.92 1.30 18.06
C ILE A 109 14.32 0.34 19.18
N VAL A 110 14.85 0.88 20.28
CA VAL A 110 15.24 0.05 21.41
C VAL A 110 14.01 -0.65 21.99
N ALA A 111 12.91 0.07 22.09
CA ALA A 111 11.68 -0.50 22.63
C ALA A 111 11.18 -1.65 21.78
N ALA A 112 11.30 -1.50 20.46
CA ALA A 112 10.86 -2.53 19.52
C ALA A 112 11.71 -3.79 19.66
N ARG A 113 13.02 -3.60 19.82
CA ARG A 113 13.91 -4.75 19.96
C ARG A 113 13.63 -5.48 21.28
N LEU A 114 13.45 -4.70 22.35
CA LEU A 114 13.17 -5.26 23.66
C LEU A 114 11.89 -6.07 23.63
N ASN A 115 10.86 -5.57 22.95
CA ASN A 115 9.60 -6.29 22.88
C ASN A 115 9.77 -7.60 22.14
N THR A 116 10.60 -7.57 21.10
CA THR A 116 10.87 -8.75 20.31
C THR A 116 11.49 -9.85 21.17
N LEU A 117 12.52 -9.48 21.93
CA LEU A 117 13.21 -10.44 22.79
C LEU A 117 12.30 -10.89 23.93
N ALA A 118 11.39 -10.02 24.35
CA ALA A 118 10.47 -10.34 25.44
C ALA A 118 9.47 -11.41 25.04
N LYS A 119 9.41 -11.76 23.76
CA LYS A 119 8.48 -12.79 23.30
C LYS A 119 8.97 -14.16 23.74
N GLY A 120 10.28 -14.27 23.98
CA GLY A 120 10.84 -15.52 24.47
C GLY A 120 11.43 -16.54 23.51
N HIS A 121 11.36 -16.30 22.20
CA HIS A 121 11.91 -17.25 21.24
C HIS A 121 13.33 -16.91 20.78
N SER A 122 13.91 -15.86 21.34
CA SER A 122 15.27 -15.48 20.93
C SER A 122 16.35 -16.18 21.76
N ALA A 123 15.93 -16.83 22.84
CA ALA A 123 16.84 -17.58 23.72
C ALA A 123 17.96 -16.71 24.29
N VAL A 124 17.62 -15.46 24.62
CA VAL A 124 18.57 -14.53 25.20
C VAL A 124 18.45 -14.54 26.73
N ARG A 125 19.53 -14.21 27.43
CA ARG A 125 19.50 -14.18 28.89
C ARG A 125 18.62 -13.02 29.34
N PRO A 126 17.85 -13.22 30.42
CA PRO A 126 16.97 -12.17 30.93
C PRO A 126 17.72 -10.85 31.15
N ILE A 127 18.99 -10.91 31.51
CA ILE A 127 19.75 -9.69 31.76
C ILE A 127 19.77 -8.78 30.52
N ILE A 128 19.70 -9.37 29.33
CA ILE A 128 19.70 -8.54 28.12
C ILE A 128 18.41 -7.71 28.10
N LEU A 129 17.30 -8.35 28.42
CA LEU A 129 16.02 -7.66 28.46
C LEU A 129 16.05 -6.58 29.52
N GLU A 130 16.56 -6.94 30.71
CA GLU A 130 16.64 -5.98 31.81
C GLU A 130 17.51 -4.77 31.53
N ARG A 131 18.66 -4.97 30.91
CA ARG A 131 19.57 -3.86 30.62
C ARG A 131 18.98 -2.91 29.57
N LEU A 132 18.25 -3.47 28.60
CA LEU A 132 17.62 -2.67 27.56
C LEU A 132 16.54 -1.81 28.22
N ALA A 133 15.74 -2.44 29.07
CA ALA A 133 14.68 -1.73 29.78
C ALA A 133 15.30 -0.66 30.69
N GLN A 134 16.49 -0.96 31.21
CA GLN A 134 17.16 -0.02 32.11
C GLN A 134 17.60 1.22 31.32
N TYR A 135 18.19 0.98 30.14
CA TYR A 135 18.62 2.07 29.28
C TYR A 135 17.44 2.99 28.97
N LEU A 136 16.28 2.40 28.70
CA LEU A 136 15.09 3.19 28.41
C LEU A 136 14.64 3.98 29.64
N ASN A 137 14.51 3.28 30.77
CA ASN A 137 14.09 3.90 32.02
C ASN A 137 15.07 4.91 32.60
N GLU A 138 16.36 4.73 32.35
CA GLU A 138 17.36 5.66 32.88
C GLU A 138 17.77 6.76 31.88
N GLY A 139 17.16 6.75 30.71
CA GLY A 139 17.46 7.77 29.73
C GLY A 139 18.77 7.64 28.98
N ILE A 140 19.29 6.43 28.85
CA ILE A 140 20.53 6.21 28.12
C ILE A 140 20.17 5.86 26.68
N THR A 141 20.26 6.86 25.81
CA THR A 141 19.90 6.68 24.41
C THR A 141 21.07 6.41 23.47
N PRO A 142 21.05 5.25 22.79
CA PRO A 142 22.13 4.91 21.87
C PRO A 142 22.23 5.90 20.71
N ALA A 143 23.45 6.10 20.21
CA ALA A 143 23.70 6.98 19.08
C ALA A 143 23.60 6.06 17.87
N ILE A 144 22.51 6.17 17.12
CA ILE A 144 22.28 5.29 15.97
C ILE A 144 22.29 6.04 14.63
N PRO A 145 23.27 5.75 13.77
CA PRO A 145 23.26 6.46 12.49
C PRO A 145 22.13 5.87 11.64
N GLU A 146 21.48 6.73 10.86
CA GLU A 146 20.33 6.33 10.04
C GLU A 146 20.57 5.44 8.83
N ILE A 147 21.78 5.47 8.27
CA ILE A 147 22.05 4.69 7.08
C ILE A 147 22.93 3.48 7.27
N GLY A 148 22.61 2.41 6.53
CA GLY A 148 23.39 1.18 6.62
C GLY A 148 22.54 -0.07 6.61
N SER A 149 21.29 0.05 7.03
CA SER A 149 20.38 -1.09 7.06
C SER A 149 19.85 -1.46 5.68
N LEU A 150 19.82 -2.76 5.40
CA LEU A 150 19.30 -3.29 4.14
C LEU A 150 17.90 -3.85 4.40
N GLY A 151 17.45 -3.73 5.64
CA GLY A 151 16.14 -4.23 6.03
C GLY A 151 15.97 -5.72 5.86
N ASP A 153 17.73 -4.84 9.77
CA ASP A 153 18.32 -3.59 10.28
C ASP A 153 19.65 -3.80 11.05
N LEU A 154 20.57 -4.56 10.47
CA LEU A 154 21.87 -4.89 11.06
C LEU A 154 22.73 -3.76 11.65
N ALA A 155 23.12 -2.82 10.81
CA ALA A 155 23.97 -1.70 11.23
C ALA A 155 23.37 -0.87 12.36
N PRO A 156 22.12 -0.40 12.19
CA PRO A 156 21.48 0.42 13.24
C PRO A 156 21.46 -0.32 14.57
N LEU A 157 21.06 -1.59 14.53
CA LEU A 157 20.96 -2.41 15.72
C LEU A 157 22.32 -2.75 16.32
N SER A 158 23.34 -2.87 15.47
CA SER A 158 24.69 -3.17 15.98
C SER A 158 25.17 -2.00 16.84
N HIS A 159 24.81 -0.78 16.44
CA HIS A 159 25.22 0.39 17.21
C HIS A 159 24.53 0.36 18.57
N VAL A 160 23.30 -0.14 18.59
CA VAL A 160 22.55 -0.27 19.84
C VAL A 160 23.26 -1.32 20.72
N ALA A 161 23.47 -2.50 20.15
CA ALA A 161 24.13 -3.59 20.88
C ALA A 161 25.49 -3.16 21.43
N SER A 162 26.21 -2.33 20.68
CA SER A 162 27.51 -1.84 21.11
C SER A 162 27.41 -1.16 22.48
N THR A 163 26.40 -0.31 22.66
CA THR A 163 26.24 0.39 23.92
C THR A 163 25.99 -0.54 25.10
N LEU A 164 25.44 -1.73 24.82
CA LEU A 164 25.18 -2.69 25.89
C LEU A 164 26.48 -3.28 26.44
N ILE A 165 27.51 -3.32 25.61
CA ILE A 165 28.79 -3.86 26.03
C ILE A 165 29.80 -2.73 26.23
N GLY A 166 29.29 -1.53 26.48
CA GLY A 166 30.14 -0.38 26.73
C GLY A 166 30.93 0.15 25.55
N GLU A 167 30.46 -0.10 24.33
CA GLU A 167 31.16 0.38 23.15
C GLU A 167 30.26 1.28 22.32
N GLY A 168 30.75 1.76 21.18
CA GLY A 168 29.95 2.64 20.37
C GLY A 168 29.71 3.96 21.07
N TYR A 169 28.59 4.62 20.77
CA TYR A 169 28.29 5.90 21.41
C TYR A 169 26.87 6.04 21.91
N VAL A 170 26.69 6.95 22.86
CA VAL A 170 25.41 7.26 23.45
C VAL A 170 25.04 8.68 23.02
N LEU A 171 23.76 8.93 22.86
CA LEU A 171 23.28 10.24 22.42
C LEU A 171 23.06 11.22 23.57
N ARG A 172 23.80 12.32 23.54
CA ARG A 172 23.68 13.36 24.57
C ARG A 172 23.58 14.73 23.93
N ASP A 173 22.48 15.42 24.17
CA ASP A 173 22.27 16.75 23.63
C ASP A 173 22.56 16.75 22.13
N GLY A 174 22.11 15.71 21.45
CA GLY A 174 22.30 15.59 20.02
C GLY A 174 23.68 15.15 19.57
N ARG A 175 24.61 15.03 20.51
CA ARG A 175 25.96 14.62 20.15
C ARG A 175 26.33 13.24 20.69
N PRO A 176 27.16 12.50 19.93
CA PRO A 176 27.58 11.16 20.34
C PRO A 176 28.72 11.22 21.35
N VAL A 177 28.56 10.55 22.48
CA VAL A 177 29.58 10.51 23.52
C VAL A 177 29.90 9.04 23.76
N GLU A 178 31.17 8.73 24.02
CA GLU A 178 31.55 7.34 24.25
C GLU A 178 30.73 6.68 25.35
N THR A 179 30.23 5.49 25.04
CA THR A 179 29.40 4.74 25.98
C THR A 179 30.18 4.37 27.24
N ALA A 180 31.48 4.15 27.08
CA ALA A 180 32.35 3.78 28.19
C ALA A 180 32.27 4.75 29.37
N GLN A 181 32.45 6.04 29.12
CA GLN A 181 32.40 7.00 30.21
C GLN A 181 30.99 7.31 30.67
N VAL A 182 30.02 7.17 29.78
CA VAL A 182 28.63 7.42 30.15
C VAL A 182 28.20 6.36 31.14
N LEU A 183 28.62 5.12 30.90
CA LEU A 183 28.27 4.03 31.80
C LEU A 183 29.01 4.17 33.12
N ALA A 184 30.24 4.65 33.05
CA ALA A 184 31.03 4.86 34.25
C ALA A 184 30.41 6.05 34.98
N GLU A 185 30.02 7.04 34.20
CA GLU A 185 29.40 8.26 34.70
C GLU A 185 28.11 7.99 35.45
N ARG A 186 27.66 6.74 35.48
CA ARG A 186 26.44 6.41 36.21
C ARG A 186 26.37 5.01 36.79
N GLY A 187 27.52 4.53 37.24
CA GLY A 187 27.61 3.22 37.88
C GLY A 187 27.07 1.98 37.21
N ILE A 188 27.12 1.93 35.88
CA ILE A 188 26.64 0.73 35.21
C ILE A 188 27.81 -0.02 34.58
N GLU A 189 27.92 -1.30 34.92
CA GLU A 189 28.98 -2.14 34.39
C GLU A 189 28.49 -2.79 33.11
N PRO A 190 29.20 -2.55 31.98
CA PRO A 190 28.80 -3.14 30.70
C PRO A 190 28.60 -4.66 30.77
N LEU A 191 27.86 -5.19 29.80
CA LEU A 191 27.59 -6.62 29.75
C LEU A 191 28.56 -7.34 28.82
N GLU A 192 28.57 -8.67 28.95
CA GLU A 192 29.40 -9.53 28.13
C GLU A 192 28.42 -10.38 27.34
N LEU A 193 28.49 -10.33 26.01
CA LEU A 193 27.58 -11.09 25.17
C LEU A 193 27.87 -12.59 25.14
N ARG A 194 26.87 -13.39 25.48
CA ARG A 194 27.03 -14.84 25.46
C ARG A 194 26.30 -15.42 24.26
N PHE A 195 26.29 -16.76 24.17
CA PHE A 195 25.63 -17.46 23.06
C PHE A 195 24.43 -16.74 22.47
N LYS A 196 24.47 -16.53 21.14
CA LYS A 196 23.37 -15.92 20.41
C LYS A 196 22.94 -14.50 20.77
N GLU A 197 23.42 -13.96 21.87
CA GLU A 197 22.99 -12.63 22.29
C GLU A 197 23.36 -11.47 21.36
N GLY A 198 24.56 -11.50 20.80
CA GLY A 198 24.93 -10.43 19.88
C GLY A 198 24.03 -10.46 18.66
N LEU A 199 23.83 -11.64 18.10
CA LEU A 199 23.00 -11.82 16.92
C LEU A 199 21.54 -11.44 17.17
N ALA A 200 20.99 -11.91 18.28
CA ALA A 200 19.60 -11.63 18.62
C ALA A 200 19.33 -10.13 18.76
N LEU A 201 20.32 -9.39 19.23
CA LEU A 201 20.17 -7.95 19.40
C LEU A 201 20.12 -7.16 18.11
N ILE A 202 20.79 -7.66 17.08
CA ILE A 202 20.86 -6.97 15.80
C ILE A 202 20.12 -7.60 14.62
N ASN A 203 19.69 -8.85 14.78
CA ASN A 203 19.04 -9.58 13.70
C ASN A 203 17.50 -9.46 13.70
N GLY A 204 16.99 -8.32 13.26
CA GLY A 204 15.56 -8.13 13.22
C GLY A 204 15.16 -6.85 12.51
N THR A 205 13.89 -6.49 12.59
CA THR A 205 13.36 -5.30 11.93
C THR A 205 13.05 -4.15 12.88
N SER A 206 13.64 -4.16 14.07
CA SER A 206 13.35 -3.12 15.04
C SER A 206 13.65 -1.67 14.62
N GLY A 207 14.58 -1.49 13.68
CA GLY A 207 14.87 -0.15 13.23
C GLY A 207 13.68 0.40 12.46
N MET A 208 13.26 -0.32 11.42
CA MET A 208 12.14 0.11 10.61
C MET A 208 10.80 0.05 11.34
N THR A 209 10.65 -0.92 12.23
CA THR A 209 9.42 -1.10 12.98
C THR A 209 9.30 -0.04 14.08
N GLY A 210 10.42 0.30 14.70
CA GLY A 210 10.41 1.29 15.74
C GLY A 210 10.08 2.65 15.15
N LEU A 211 10.80 3.04 14.10
CA LEU A 211 10.58 4.32 13.43
C LEU A 211 9.22 4.36 12.76
N GLY A 212 8.84 3.23 12.14
CA GLY A 212 7.54 3.17 11.48
C GLY A 212 6.39 3.40 12.43
N SER A 213 6.52 2.90 13.64
CA SER A 213 5.47 3.08 14.65
C SER A 213 5.28 4.56 14.91
N LEU A 214 6.38 5.27 15.10
CA LEU A 214 6.33 6.71 15.35
C LEU A 214 5.70 7.42 14.14
N VAL A 215 6.17 7.10 12.94
CA VAL A 215 5.63 7.74 11.74
C VAL A 215 4.14 7.48 11.55
N VAL A 216 3.74 6.22 11.62
CA VAL A 216 2.33 5.89 11.43
C VAL A 216 1.45 6.49 12.51
N GLY A 217 1.91 6.47 13.76
CA GLY A 217 1.13 7.06 14.83
C GLY A 217 0.94 8.55 14.60
N ARG A 218 2.02 9.22 14.20
CA ARG A 218 1.98 10.66 13.93
C ARG A 218 1.20 10.95 12.64
N ALA A 219 1.24 10.01 11.71
CA ALA A 219 0.54 10.17 10.44
C ALA A 219 -0.97 10.22 10.65
N LEU A 220 -1.47 9.42 11.59
CA LEU A 220 -2.88 9.41 11.89
C LEU A 220 -3.28 10.75 12.51
N GLU A 221 -2.40 11.31 13.33
CA GLU A 221 -2.64 12.61 13.94
C GLU A 221 -2.60 13.69 12.86
N GLN A 222 -1.79 13.46 11.83
CA GLN A 222 -1.70 14.44 10.75
C GLN A 222 -2.99 14.43 9.92
N ALA A 223 -3.58 13.25 9.74
CA ALA A 223 -4.83 13.14 8.99
C ALA A 223 -5.90 13.91 9.76
N GLN A 224 -5.90 13.75 11.08
CA GLN A 224 -6.86 14.45 11.92
C GLN A 224 -6.63 15.95 11.87
N GLN A 225 -5.37 16.37 11.92
CA GLN A 225 -5.09 17.80 11.87
C GLN A 225 -5.35 18.37 10.49
N ALA A 226 -5.38 17.49 9.48
CA ALA A 226 -5.68 17.95 8.12
C ALA A 226 -7.20 18.17 8.08
N GLU A 227 -7.93 17.24 8.66
CA GLU A 227 -9.39 17.33 8.71
C GLU A 227 -9.81 18.57 9.50
N ILE A 228 -9.07 18.87 10.57
CA ILE A 228 -9.37 20.03 11.41
C ILE A 228 -9.24 21.38 10.67
N VAL A 229 -8.14 21.59 9.94
CA VAL A 229 -8.01 22.86 9.23
C VAL A 229 -8.95 22.87 8.03
N THR A 230 -9.19 21.70 7.44
CA THR A 230 -10.07 21.60 6.30
C THR A 230 -11.48 22.04 6.71
N ALA A 231 -11.92 21.60 7.89
CA ALA A 231 -13.26 21.97 8.37
C ALA A 231 -13.34 23.48 8.58
N LEU A 232 -12.30 24.06 9.16
CA LEU A 232 -12.23 25.50 9.40
C LEU A 232 -12.33 26.25 8.09
N LEU A 233 -11.58 25.78 7.10
CA LEU A 233 -11.56 26.40 5.77
C LEU A 233 -12.94 26.32 5.12
N ILE A 234 -13.58 25.16 5.22
CA ILE A 234 -14.90 24.98 4.63
C ILE A 234 -15.90 25.94 5.25
N GLU A 235 -15.77 26.19 6.55
CA GLU A 235 -16.67 27.12 7.21
C GLU A 235 -16.35 28.53 6.76
N ALA A 236 -15.06 28.84 6.71
CA ALA A 236 -14.60 30.16 6.31
C ALA A 236 -15.07 30.55 4.92
N VAL A 237 -15.21 29.57 4.04
CA VAL A 237 -15.64 29.86 2.67
C VAL A 237 -17.12 29.48 2.46
N ARG A 238 -17.82 29.18 3.55
CA ARG A 238 -19.24 28.84 3.47
C ARG A 238 -19.53 27.66 2.56
N GLY A 239 -18.79 26.57 2.73
CA GLY A 239 -18.99 25.40 1.89
C GLY A 239 -20.24 24.61 2.25
N SER A 240 -20.61 23.68 1.39
CA SER A 240 -21.80 22.85 1.61
C SER A 240 -21.48 21.66 2.49
N THR A 241 -22.48 21.23 3.26
CA THR A 241 -22.33 20.07 4.14
C THR A 241 -22.77 18.79 3.44
N SER A 242 -23.37 18.93 2.25
CA SER A 242 -23.84 17.76 1.51
C SER A 242 -22.81 16.63 1.36
N PRO A 243 -21.56 16.97 1.00
CA PRO A 243 -20.49 15.96 0.81
C PRO A 243 -20.17 15.04 2.00
N PHE A 244 -20.50 15.48 3.21
CA PHE A 244 -20.18 14.71 4.39
C PHE A 244 -21.32 13.89 4.99
N LEU A 245 -22.50 13.99 4.40
CA LEU A 245 -23.67 13.26 4.88
C LEU A 245 -23.39 11.77 4.99
N ALA A 246 -23.77 11.19 6.13
CA ALA A 246 -23.44 9.80 6.42
C ALA A 246 -23.86 8.88 5.27
N GLU A 247 -25.10 9.05 4.80
CA GLU A 247 -25.66 8.15 3.81
C GLU A 247 -24.71 7.95 2.63
N GLY A 248 -24.00 9.01 2.28
CA GLY A 248 -23.11 8.97 1.12
C GLY A 248 -21.93 8.04 1.33
N HIS A 249 -21.64 7.74 2.59
CA HIS A 249 -20.50 6.91 2.93
C HIS A 249 -20.90 5.61 3.63
N ASP A 250 -21.44 5.74 4.84
CA ASP A 250 -21.91 4.58 5.62
C ASP A 250 -22.77 3.66 4.76
N ILE A 251 -23.53 4.24 3.84
CA ILE A 251 -24.41 3.47 2.98
C ILE A 251 -23.89 3.27 1.54
N ALA A 252 -23.67 4.37 0.83
CA ALA A 252 -23.23 4.29 -0.56
C ALA A 252 -21.81 3.78 -0.84
N ARG A 253 -20.84 4.16 -0.01
CA ARG A 253 -19.47 3.75 -0.26
C ARG A 253 -18.74 3.46 1.06
N PRO A 254 -19.04 2.30 1.66
CA PRO A 254 -18.53 1.75 2.93
C PRO A 254 -17.03 1.60 3.19
N HIS A 255 -16.18 2.45 2.62
CA HIS A 255 -14.74 2.33 2.92
C HIS A 255 -14.57 2.86 4.34
N GLU A 256 -13.89 2.09 5.20
CA GLU A 256 -13.70 2.50 6.60
C GLU A 256 -13.14 3.90 6.79
N GLY A 257 -12.01 4.17 6.14
CA GLY A 257 -11.39 5.48 6.25
C GLY A 257 -12.31 6.60 5.81
N GLN A 258 -13.01 6.39 4.69
CA GLN A 258 -13.93 7.39 4.17
C GLN A 258 -15.04 7.66 5.18
N ILE A 259 -15.57 6.60 5.77
CA ILE A 259 -16.61 6.72 6.78
C ILE A 259 -16.09 7.53 7.98
N ASP A 260 -14.86 7.25 8.40
CA ASP A 260 -14.27 7.95 9.53
C ASP A 260 -14.02 9.44 9.28
N THR A 261 -13.47 9.77 8.12
CA THR A 261 -13.21 11.16 7.77
C THR A 261 -14.53 11.93 7.71
N ALA A 262 -15.51 11.36 7.03
CA ALA A 262 -16.83 11.99 6.91
C ALA A 262 -17.40 12.26 8.30
N ALA A 263 -17.36 11.26 9.17
CA ALA A 263 -17.85 11.39 10.53
C ALA A 263 -17.10 12.52 11.23
N ASN A 264 -15.78 12.54 11.09
CA ASN A 264 -14.98 13.59 11.70
C ASN A 264 -15.33 14.97 11.16
N MET A 265 -15.54 15.08 9.84
CA MET A 265 -15.88 16.36 9.25
C MET A 265 -17.21 16.88 9.76
N ARG A 266 -18.20 15.99 9.87
CA ARG A 266 -19.52 16.39 10.38
C ARG A 266 -19.39 16.90 11.81
N ALA A 267 -18.59 16.21 12.63
CA ALA A 267 -18.41 16.61 14.02
C ALA A 267 -17.65 17.92 14.17
N LEU A 268 -16.64 18.12 13.33
CA LEU A 268 -15.85 19.34 13.40
C LEU A 268 -16.65 20.60 13.03
N MET A 269 -17.55 20.47 12.07
CA MET A 269 -18.35 21.62 11.63
C MET A 269 -19.72 21.71 12.31
N ARG A 270 -20.02 20.84 13.27
CA ARG A 270 -21.32 20.79 13.94
C ARG A 270 -21.49 22.15 14.66
N GLY A 271 -22.59 22.77 14.52
CA GLY A 271 -22.87 24.03 15.18
C GLY A 271 -22.38 25.27 14.45
N SER A 272 -21.95 25.09 13.21
CA SER A 272 -21.46 26.21 12.41
C SER A 272 -22.61 27.04 11.87
N GLY A 273 -22.43 28.36 11.82
CA GLY A 273 -23.47 29.23 11.29
C GLY A 273 -23.07 29.70 9.91
N LEU A 274 -21.91 29.25 9.45
CA LEU A 274 -21.39 29.65 8.15
C LEU A 274 -21.61 28.61 7.04
N THR A 275 -21.57 27.33 7.40
CA THR A 275 -21.78 26.27 6.41
C THR A 275 -23.21 26.35 5.88
N VAL A 276 -23.42 25.83 4.68
CA VAL A 276 -24.74 25.84 4.08
C VAL A 276 -25.23 24.42 3.80
N GLU A 277 -26.52 24.19 4.02
CA GLU A 277 -27.11 22.89 3.76
C GLU A 277 -27.47 22.87 2.29
N HIS A 278 -27.49 21.67 1.71
CA HIS A 278 -27.83 21.55 0.30
C HIS A 278 -29.20 22.17 0.02
N ALA A 279 -30.18 21.83 0.85
CA ALA A 279 -31.54 22.35 0.68
C ALA A 279 -31.56 23.86 0.49
N ASP A 280 -30.79 24.57 1.31
CA ASP A 280 -30.73 26.02 1.21
C ASP A 280 -30.03 26.50 -0.06
N LEU A 281 -28.96 25.81 -0.45
CA LEU A 281 -28.25 26.18 -1.68
C LEU A 281 -29.20 25.99 -2.87
N ARG A 282 -29.90 24.86 -2.86
CA ARG A 282 -30.85 24.51 -3.91
C ARG A 282 -31.96 25.56 -4.06
N ARG A 283 -32.53 25.99 -2.93
CA ARG A 283 -33.59 26.99 -2.95
C ARG A 283 -33.03 28.32 -3.42
N GLU A 284 -31.89 28.68 -2.86
CA GLU A 284 -31.20 29.93 -3.20
C GLU A 284 -31.02 30.03 -4.71
N LEU A 285 -30.60 28.92 -5.32
CA LEU A 285 -30.38 28.86 -6.77
C LEU A 285 -31.70 28.88 -7.53
N GLN A 286 -32.71 28.21 -6.96
CA GLN A 286 -34.03 28.19 -7.59
C GLN A 286 -34.52 29.62 -7.69
N LYS A 287 -34.38 30.35 -6.59
CA LYS A 287 -34.80 31.74 -6.51
C LYS A 287 -34.07 32.63 -7.49
N ASP A 288 -32.84 32.24 -7.86
CA ASP A 288 -32.03 33.03 -8.78
C ASP A 288 -32.29 32.78 -10.27
N LYS A 289 -32.99 31.70 -10.59
CA LYS A 289 -33.28 31.37 -11.99
C LYS A 289 -34.59 31.98 -12.48
N GLU A 290 -34.56 32.55 -13.69
CA GLU A 290 -35.75 33.14 -14.28
C GLU A 290 -36.45 32.09 -15.14
N ALA A 291 -37.73 32.30 -15.38
CA ALA A 291 -38.53 31.36 -16.19
C ALA A 291 -38.38 31.67 -17.67
N GLY A 292 -38.74 30.71 -18.52
CA GLY A 292 -38.64 30.92 -19.96
C GLY A 292 -37.35 30.40 -20.56
N LYS A 293 -36.24 31.03 -20.23
CA LYS A 293 -34.93 30.62 -20.77
C LYS A 293 -34.48 29.25 -20.29
N ASP A 294 -34.10 28.40 -21.23
CA ASP A 294 -33.66 27.04 -20.89
C ASP A 294 -32.18 26.91 -20.55
N VAL A 295 -31.45 28.02 -20.60
CA VAL A 295 -30.02 28.04 -20.26
C VAL A 295 -29.67 29.43 -19.76
N GLN A 296 -29.33 29.54 -18.47
CA GLN A 296 -28.99 30.83 -17.89
C GLN A 296 -27.81 30.72 -16.92
N ARG A 297 -27.04 31.80 -16.82
CA ARG A 297 -25.87 31.83 -15.94
C ARG A 297 -26.24 32.21 -14.52
N SER A 298 -25.43 31.75 -13.56
CA SER A 298 -25.64 32.05 -12.14
C SER A 298 -24.28 32.15 -11.48
N GLU A 299 -24.20 32.87 -10.37
CA GLU A 299 -22.95 33.01 -9.64
C GLU A 299 -22.89 31.97 -8.53
N ILE A 300 -23.99 31.27 -8.32
CA ILE A 300 -24.06 30.25 -7.27
C ILE A 300 -23.57 28.88 -7.73
N TYR A 301 -22.71 28.27 -6.93
CA TYR A 301 -22.17 26.94 -7.21
C TYR A 301 -22.86 25.93 -6.29
N LEU A 302 -23.71 25.09 -6.85
CA LEU A 302 -24.44 24.10 -6.05
C LEU A 302 -23.48 23.15 -5.34
N GLN A 303 -22.30 22.97 -5.94
CA GLN A 303 -21.24 22.11 -5.40
C GLN A 303 -19.92 22.88 -5.42
N LYS A 304 -19.05 22.56 -4.47
CA LYS A 304 -17.75 23.22 -4.42
C LYS A 304 -16.74 22.31 -5.14
N ALA A 305 -15.53 22.84 -5.37
CA ALA A 305 -14.48 22.09 -6.05
C ALA A 305 -14.09 20.84 -5.24
N TYR A 306 -13.44 19.90 -5.91
CA TYR A 306 -13.02 18.65 -5.30
C TYR A 306 -12.26 18.83 -3.97
N SER A 307 -11.33 19.78 -3.91
CA SER A 307 -10.56 20.00 -2.70
C SER A 307 -11.39 20.36 -1.46
N LEU A 308 -12.60 20.71 -1.71
CA LEU A 308 -13.60 20.91 -0.74
C LEU A 308 -14.75 20.02 -0.65
N ARG A 309 -14.69 18.85 -1.26
CA ARG A 309 -15.88 18.06 -1.54
C ARG A 309 -15.60 16.57 -1.48
N ALA A 310 -14.44 16.17 -2.00
CA ALA A 310 -13.97 14.79 -1.88
C ALA A 310 -12.88 14.67 -0.84
N ILE A 311 -13.04 15.36 0.29
CA ILE A 311 -12.25 15.09 1.49
C ILE A 311 -12.45 13.67 2.05
N PRO A 312 -13.70 13.21 2.17
CA PRO A 312 -13.88 11.86 2.71
C PRO A 312 -13.20 10.79 1.86
N GLN A 313 -13.31 10.93 0.54
CA GLN A 313 -12.72 9.98 -0.37
C GLN A 313 -11.19 9.96 -0.32
N VAL A 314 -10.58 11.13 -0.38
CA VAL A 314 -9.13 11.25 -0.38
C VAL A 314 -8.46 10.99 0.98
N VAL A 315 -8.90 11.68 2.02
CA VAL A 315 -8.31 11.47 3.35
C VAL A 315 -8.71 10.10 3.86
N GLY A 316 -9.89 9.64 3.45
CA GLY A 316 -10.34 8.32 3.87
C GLY A 316 -9.42 7.25 3.31
N ALA A 317 -8.97 7.46 2.07
CA ALA A 317 -8.05 6.54 1.43
C ALA A 317 -6.72 6.58 2.17
N VAL A 318 -6.32 7.77 2.60
CA VAL A 318 -5.07 7.91 3.33
C VAL A 318 -5.23 7.12 4.64
N ARG A 319 -6.37 7.32 5.32
CA ARG A 319 -6.64 6.60 6.56
C ARG A 319 -6.60 5.08 6.38
N ASP A 320 -7.23 4.55 5.32
CA ASP A 320 -7.22 3.11 5.06
C ASP A 320 -5.79 2.60 4.96
N THR A 321 -4.93 3.36 4.30
CA THR A 321 -3.53 2.99 4.16
C THR A 321 -2.84 3.01 5.53
N LEU A 322 -3.16 4.02 6.33
CA LEU A 322 -2.57 4.15 7.66
C LEU A 322 -3.05 3.05 8.60
N TYR A 323 -4.32 2.66 8.48
CA TYR A 323 -4.86 1.59 9.33
C TYR A 323 -4.16 0.28 8.98
N HIS A 324 -3.95 0.05 7.70
CA HIS A 324 -3.29 -1.17 7.24
C HIS A 324 -1.85 -1.23 7.75
N ALA A 325 -1.14 -0.09 7.68
CA ALA A 325 0.24 -0.04 8.15
C ALA A 325 0.32 -0.26 9.66
N ARG A 326 -0.60 0.35 10.41
CA ARG A 326 -0.61 0.19 11.86
C ARG A 326 -0.86 -1.27 12.22
N HIS A 327 -1.74 -1.91 11.46
CA HIS A 327 -2.03 -3.33 11.66
C HIS A 327 -0.78 -4.18 11.44
N LYS A 328 -0.09 -3.94 10.32
CA LYS A 328 1.17 -4.61 10.05
C LYS A 328 2.18 -4.38 11.18
N LEU A 329 2.25 -3.15 11.66
CA LEU A 329 3.26 -2.76 12.64
C LEU A 329 3.00 -3.40 13.99
N ARG A 330 1.73 -3.46 14.39
CA ARG A 330 1.34 -4.06 15.65
C ARG A 330 1.70 -5.55 15.62
N ILE A 331 1.47 -6.20 14.48
CA ILE A 331 1.81 -7.60 14.35
C ILE A 331 3.31 -7.77 14.46
N GLU A 332 4.04 -6.95 13.72
CA GLU A 332 5.50 -6.99 13.73
C GLU A 332 6.09 -6.68 15.10
N LEU A 333 5.55 -5.67 15.78
CA LEU A 333 6.05 -5.31 17.11
C LEU A 333 6.04 -6.51 18.05
N ASN A 334 4.97 -7.28 17.97
CA ASN A 334 4.78 -8.45 18.84
C ASN A 334 5.15 -9.77 18.15
N SER A 335 6.16 -9.74 17.31
CA SER A 335 6.59 -10.94 16.62
C SER A 335 8.02 -11.28 17.02
N ALA A 336 8.46 -12.48 16.67
CA ALA A 336 9.82 -12.88 16.95
C ALA A 336 10.61 -12.62 15.67
N ASN A 337 10.86 -11.35 15.37
CA ASN A 337 11.64 -11.01 14.18
C ASN A 337 13.10 -11.12 14.58
N ASP A 338 13.59 -12.35 14.51
CA ASP A 338 14.95 -12.69 14.87
C ASP A 338 15.22 -14.06 14.26
N ASN A 339 16.46 -14.49 14.26
CA ASN A 339 16.83 -15.80 13.71
C ASN A 339 18.21 -16.17 14.22
N PRO A 340 18.42 -17.44 14.59
CA PRO A 340 17.42 -18.51 14.53
C PRO A 340 16.45 -18.38 15.69
N LEU A 341 15.40 -19.20 15.71
CA LEU A 341 14.40 -19.12 16.76
C LEU A 341 14.22 -20.41 17.56
N PHE A 342 13.93 -20.25 18.85
CA PHE A 342 13.74 -21.40 19.72
C PHE A 342 12.29 -21.67 20.08
N PHE A 343 11.90 -22.92 19.90
CA PHE A 343 10.57 -23.40 20.21
C PHE A 343 10.78 -24.69 21.00
N GLU A 344 10.31 -24.71 22.24
CA GLU A 344 10.45 -25.88 23.09
C GLU A 344 9.97 -27.16 22.43
N GLY A 345 10.81 -28.20 22.47
CA GLY A 345 10.45 -29.48 21.90
C GLY A 345 10.60 -29.58 20.39
N LYS A 346 11.16 -28.55 19.77
CA LYS A 346 11.33 -28.54 18.33
C LYS A 346 12.77 -28.21 17.95
N GLU A 347 13.15 -28.53 16.72
CA GLU A 347 14.51 -28.22 16.24
C GLU A 347 14.61 -26.69 16.22
N ILE A 348 15.81 -26.16 16.30
CA ILE A 348 15.97 -24.72 16.26
C ILE A 348 15.49 -24.27 14.87
N PHE A 349 14.59 -23.30 14.84
CA PHE A 349 14.03 -22.79 13.59
C PHE A 349 15.03 -21.88 12.87
N HIS A 350 15.35 -22.24 11.63
CA HIS A 350 16.26 -21.45 10.81
C HIS A 350 15.49 -20.89 9.61
N GLY A 351 14.97 -19.68 9.78
CA GLY A 351 14.20 -19.04 8.73
C GLY A 351 14.65 -17.64 8.40
N ALA A 352 13.70 -16.75 8.12
CA ALA A 352 14.02 -15.37 7.78
C ALA A 352 13.05 -14.34 8.35
N ASN A 353 12.67 -14.50 9.61
CA ASN A 353 11.76 -13.57 10.25
C ASN A 353 12.37 -12.19 10.50
N PHE A 354 13.62 -12.03 10.05
CA PHE A 354 14.32 -10.76 10.19
C PHE A 354 14.05 -9.93 8.92
N HIS A 355 13.42 -10.56 7.93
CA HIS A 355 13.14 -9.89 6.66
C HIS A 355 12.01 -8.88 6.81
N GLY A 356 12.32 -7.62 6.56
CA GLY A 356 11.35 -6.55 6.73
C GLY A 356 10.37 -6.24 5.62
N GLN A 357 10.20 -7.15 4.65
CA GLN A 357 9.27 -6.88 3.56
C GLN A 357 7.88 -6.41 3.99
N PRO A 358 7.25 -7.09 4.97
CA PRO A 358 5.91 -6.63 5.36
C PRO A 358 5.90 -5.16 5.81
N ILE A 359 6.95 -4.75 6.50
CA ILE A 359 7.03 -3.37 6.95
C ILE A 359 7.54 -2.43 5.85
N ALA A 360 8.46 -2.91 5.02
CA ALA A 360 8.97 -2.08 3.93
C ALA A 360 7.81 -1.68 3.02
N PHE A 361 6.97 -2.64 2.66
CA PHE A 361 5.81 -2.35 1.82
C PHE A 361 4.90 -1.34 2.53
N ALA A 362 4.55 -1.64 3.78
CA ALA A 362 3.67 -0.78 4.55
C ALA A 362 4.12 0.69 4.59
N MET A 363 5.41 0.91 4.85
CA MET A 363 5.92 2.27 4.93
C MET A 363 5.99 2.93 3.57
N ASP A 364 6.25 2.16 2.53
CA ASP A 364 6.28 2.70 1.17
C ASP A 364 4.85 3.16 0.83
N PHE A 365 3.86 2.44 1.33
CA PHE A 365 2.47 2.79 1.06
C PHE A 365 2.10 4.05 1.84
N VAL A 366 2.66 4.21 3.03
CA VAL A 366 2.41 5.38 3.85
C VAL A 366 3.01 6.62 3.16
N THR A 367 4.20 6.49 2.58
CA THR A 367 4.85 7.59 1.89
C THR A 367 3.92 8.11 0.78
N ILE A 368 3.35 7.18 0.03
CA ILE A 368 2.45 7.54 -1.06
C ILE A 368 1.17 8.18 -0.52
N ALA A 369 0.55 7.54 0.48
CA ALA A 369 -0.68 8.06 1.06
C ALA A 369 -0.47 9.47 1.60
N LEU A 370 0.61 9.69 2.35
CA LEU A 370 0.88 11.01 2.91
C LEU A 370 1.20 12.06 1.84
N THR A 371 1.80 11.63 0.73
CA THR A 371 2.11 12.57 -0.34
C THR A 371 0.80 13.15 -0.85
N GLN A 372 -0.19 12.29 -1.08
CA GLN A 372 -1.47 12.77 -1.57
C GLN A 372 -2.16 13.65 -0.52
N LEU A 373 -1.94 13.38 0.76
CA LEU A 373 -2.57 14.20 1.80
C LEU A 373 -2.06 15.64 1.67
N GLY A 374 -0.77 15.78 1.36
CA GLY A 374 -0.18 17.10 1.19
C GLY A 374 -0.63 17.74 -0.11
N VAL A 375 -0.88 16.90 -1.13
CA VAL A 375 -1.34 17.41 -2.42
C VAL A 375 -2.68 18.11 -2.22
N LEU A 376 -3.56 17.46 -1.47
CA LEU A 376 -4.88 17.99 -1.18
C LEU A 376 -4.78 19.28 -0.36
N ALA A 377 -3.96 19.25 0.67
CA ALA A 377 -3.77 20.41 1.54
C ALA A 377 -3.30 21.62 0.75
N GLU A 378 -2.36 21.39 -0.16
CA GLU A 378 -1.78 22.46 -0.98
C GLU A 378 -2.79 23.06 -1.98
N ARG A 379 -3.65 22.23 -2.54
CA ARG A 379 -4.66 22.75 -3.47
C ARG A 379 -5.72 23.54 -2.70
N GLN A 380 -5.90 23.23 -1.41
CA GLN A 380 -6.87 23.95 -0.60
C GLN A 380 -6.32 25.36 -0.34
N ILE A 381 -5.00 25.44 -0.15
CA ILE A 381 -4.33 26.73 0.06
C ILE A 381 -4.50 27.56 -1.21
N ASN A 382 -4.32 26.92 -2.36
CA ASN A 382 -4.52 27.59 -3.65
C ASN A 382 -5.93 28.16 -3.79
N ARG A 383 -6.92 27.38 -3.35
CA ARG A 383 -8.31 27.80 -3.43
C ARG A 383 -8.53 29.13 -2.70
N VAL A 384 -7.97 29.24 -1.50
CA VAL A 384 -8.30 30.33 -0.59
C VAL A 384 -7.51 31.60 -0.96
N LEU A 385 -6.43 31.42 -1.70
CA LEU A 385 -5.56 32.54 -2.05
C LEU A 385 -5.94 33.14 -3.40
N ASN A 386 -6.68 32.38 -4.19
CA ASN A 386 -7.08 32.82 -5.48
C ASN A 386 -8.42 33.41 -5.55
N ARG A 387 -8.40 34.65 -5.81
CA ARG A 387 -9.64 35.43 -5.79
C ARG A 387 -10.75 34.83 -6.65
N HIS A 388 -10.38 34.21 -7.76
CA HIS A 388 -11.36 33.61 -8.67
C HIS A 388 -11.94 32.32 -8.10
N LEU A 389 -11.30 31.76 -7.08
CA LEU A 389 -11.76 30.50 -6.50
C LEU A 389 -12.34 30.65 -5.09
N SER A 390 -11.76 31.54 -4.29
CA SER A 390 -12.23 31.75 -2.91
C SER A 390 -13.56 32.50 -2.86
N TYR A 391 -14.44 32.09 -1.94
CA TYR A 391 -15.74 32.73 -1.81
C TYR A 391 -15.71 33.97 -0.89
N GLY A 392 -15.77 35.14 -1.50
CA GLY A 392 -15.77 36.38 -0.74
C GLY A 392 -14.49 36.72 -0.01
N LEU A 393 -13.35 36.51 -0.66
CA LEU A 393 -12.05 36.81 -0.06
C LEU A 393 -11.18 37.56 -1.06
N PRO A 394 -10.43 38.57 -0.59
CA PRO A 394 -9.55 39.34 -1.47
C PRO A 394 -8.40 38.49 -1.98
N GLU A 395 -7.75 38.95 -3.05
CA GLU A 395 -6.64 38.23 -3.63
C GLU A 395 -5.51 38.00 -2.62
N PHE A 396 -5.05 36.76 -2.56
CA PHE A 396 -3.97 36.34 -1.67
C PHE A 396 -4.11 36.77 -0.20
N LEU A 397 -5.35 36.92 0.23
CA LEU A 397 -5.68 37.31 1.60
C LEU A 397 -5.00 38.58 2.09
N VAL A 398 -4.84 39.54 1.18
CA VAL A 398 -4.22 40.82 1.54
C VAL A 398 -5.25 41.63 2.31
N SER A 399 -4.87 42.13 3.49
CA SER A 399 -5.78 42.93 4.31
C SER A 399 -5.95 44.34 3.76
N GLY A 400 -4.84 44.96 3.35
CA GLY A 400 -4.90 46.31 2.83
C GLY A 400 -4.92 46.42 1.33
N ASP A 401 -4.02 47.26 0.79
CA ASP A 401 -3.94 47.46 -0.65
C ASP A 401 -3.11 46.39 -1.35
N PRO A 402 -3.77 45.53 -2.14
CA PRO A 402 -3.03 44.47 -2.84
C PRO A 402 -2.06 45.12 -3.83
N GLY A 403 -1.11 44.35 -4.33
CA GLY A 403 -0.13 44.91 -5.24
C GLY A 403 0.95 45.52 -4.37
N LEU A 404 0.57 46.54 -3.61
CA LEU A 404 1.52 47.18 -2.70
C LEU A 404 1.90 46.12 -1.67
N HIS A 405 0.92 45.29 -1.31
CA HIS A 405 1.14 44.20 -0.36
C HIS A 405 0.80 42.90 -1.07
N SER A 406 1.57 41.85 -0.80
CA SER A 406 1.34 40.55 -1.42
C SER A 406 0.57 39.58 -0.53
N GLY A 407 0.45 39.91 0.75
CA GLY A 407 -0.27 39.04 1.67
C GLY A 407 0.40 37.68 1.85
N PHE A 408 -0.33 36.63 1.50
CA PHE A 408 0.18 35.26 1.61
C PHE A 408 0.73 34.72 0.30
N ALA A 409 0.83 35.57 -0.72
CA ALA A 409 1.34 35.12 -2.03
C ALA A 409 2.68 34.39 -1.93
N GLY A 410 3.60 34.94 -1.15
CA GLY A 410 4.91 34.32 -1.02
C GLY A 410 4.90 33.06 -0.15
N ALA A 411 3.94 32.97 0.76
CA ALA A 411 3.83 31.81 1.64
C ALA A 411 3.29 30.58 0.92
N GLN A 412 2.64 30.77 -0.23
CA GLN A 412 2.13 29.62 -0.96
C GLN A 412 3.27 28.81 -1.54
N TYR A 413 4.35 29.49 -1.92
CA TYR A 413 5.48 28.83 -2.55
C TYR A 413 6.11 27.65 -1.81
N PRO A 414 6.40 27.79 -0.52
CA PRO A 414 6.99 26.63 0.15
C PRO A 414 6.06 25.41 0.17
N ALA A 415 4.75 25.65 0.21
CA ALA A 415 3.79 24.55 0.22
C ALA A 415 3.79 23.86 -1.14
N THR A 416 3.71 24.66 -2.19
CA THR A 416 3.71 24.15 -3.55
C THR A 416 5.00 23.36 -3.80
N ALA A 417 6.12 23.94 -3.38
CA ALA A 417 7.43 23.32 -3.55
C ALA A 417 7.58 21.98 -2.83
N LEU A 418 6.93 21.85 -1.67
CA LEU A 418 6.99 20.62 -0.90
C LEU A 418 6.21 19.48 -1.52
N VAL A 419 5.15 19.81 -2.25
CA VAL A 419 4.37 18.79 -2.93
C VAL A 419 5.29 18.19 -3.99
N ALA A 420 5.97 19.06 -4.74
CA ALA A 420 6.89 18.61 -5.77
C ALA A 420 8.00 17.75 -5.17
N GLU A 421 8.54 18.19 -4.04
CA GLU A 421 9.61 17.46 -3.38
C GLU A 421 9.15 16.08 -2.93
N ASN A 422 7.99 15.99 -2.30
CA ASN A 422 7.50 14.69 -1.86
C ASN A 422 7.30 13.76 -3.05
N ARG A 423 6.98 14.32 -4.21
CA ARG A 423 6.78 13.51 -5.40
C ARG A 423 8.07 12.94 -5.95
N THR A 424 9.21 13.46 -5.51
CA THR A 424 10.50 12.95 -5.99
C THR A 424 10.94 11.77 -5.12
N ILE A 425 10.14 11.43 -4.13
CA ILE A 425 10.46 10.31 -3.24
C ILE A 425 9.86 9.02 -3.77
N GLY A 426 10.71 8.11 -4.22
CA GLY A 426 10.25 6.85 -4.77
C GLY A 426 10.25 5.68 -3.79
N PRO A 427 9.51 4.61 -4.10
CA PRO A 427 9.43 3.43 -3.23
C PRO A 427 10.82 2.81 -3.04
N ALA A 428 11.09 2.36 -1.82
CA ALA A 428 12.37 1.73 -1.50
C ALA A 428 12.23 0.22 -1.35
N SER A 429 11.03 -0.25 -1.03
CA SER A 429 10.80 -1.68 -0.80
C SER A 429 11.09 -2.57 -2.01
N THR A 430 11.26 -1.96 -3.18
CA THR A 430 11.53 -2.73 -4.39
C THR A 430 12.97 -2.56 -4.91
N GLN A 431 13.74 -1.73 -4.21
CA GLN A 431 15.12 -1.45 -4.62
C GLN A 431 16.21 -2.37 -4.07
N SER A 432 15.85 -3.61 -3.77
CA SER A 432 16.83 -4.56 -3.26
C SER A 432 18.07 -4.66 -4.17
N VAL A 433 19.22 -4.79 -3.54
CA VAL A 433 20.50 -4.96 -4.24
C VAL A 433 21.18 -6.12 -3.52
N PRO A 434 21.65 -7.12 -4.29
CA PRO A 434 22.32 -8.29 -3.69
C PRO A 434 23.69 -8.01 -3.08
N SER A 435 23.95 -8.58 -1.92
CA SER A 435 25.22 -8.40 -1.24
C SER A 435 25.62 -9.62 -0.40
N ASN A 436 26.77 -9.52 0.25
CA ASN A 436 27.29 -10.58 1.11
C ASN A 436 27.44 -11.89 0.33
N GLY A 437 28.20 -11.83 -0.75
CA GLY A 437 28.42 -13.02 -1.58
C GLY A 437 27.11 -13.62 -2.06
N ASP A 438 26.14 -12.75 -2.31
CA ASP A 438 24.82 -13.15 -2.77
C ASP A 438 24.01 -13.91 -1.71
N ASN A 439 24.46 -13.93 -0.46
CA ASN A 439 23.68 -14.59 0.58
C ASN A 439 22.43 -13.77 0.83
N GLN A 440 22.60 -12.45 0.84
CA GLN A 440 21.48 -11.54 1.04
C GLN A 440 21.09 -11.11 -0.37
N ASP A 441 20.61 -12.06 -1.17
CA ASP A 441 20.27 -11.72 -2.55
C ASP A 441 18.93 -11.03 -2.77
N VAL A 442 18.10 -10.96 -1.73
CA VAL A 442 16.80 -10.28 -1.81
C VAL A 442 16.50 -9.65 -0.44
N VAL A 443 16.60 -8.31 -0.38
CA VAL A 443 16.35 -7.58 0.87
C VAL A 443 15.16 -6.63 0.74
N SER A 444 14.77 -5.99 1.83
CA SER A 444 13.59 -5.11 1.80
C SER A 444 13.83 -3.60 1.80
N MET A 445 14.98 -3.15 2.28
CA MET A 445 15.28 -1.71 2.35
C MET A 445 14.21 -0.97 3.16
N GLY A 446 13.56 -1.68 4.08
CA GLY A 446 12.50 -1.10 4.90
C GLY A 446 12.79 0.15 5.71
N LEU A 447 14.01 0.29 6.21
CA LEU A 447 14.32 1.48 7.01
C LEU A 447 14.36 2.71 6.11
N ILE A 448 14.67 2.50 4.83
CA ILE A 448 14.70 3.61 3.88
C ILE A 448 13.24 4.00 3.65
N SER A 449 12.38 3.00 3.51
CA SER A 449 10.95 3.24 3.32
C SER A 449 10.43 4.05 4.52
N ALA A 450 10.81 3.62 5.72
CA ALA A 450 10.36 4.28 6.95
C ALA A 450 10.84 5.72 7.01
N ARG A 451 12.08 5.96 6.59
CA ARG A 451 12.62 7.30 6.61
C ARG A 451 11.98 8.16 5.51
N ASN A 452 11.55 7.53 4.41
CA ASN A 452 10.89 8.26 3.32
C ASN A 452 9.56 8.80 3.86
N ALA A 453 8.81 7.93 4.53
CA ALA A 453 7.52 8.30 5.11
C ALA A 453 7.67 9.41 6.15
N ARG A 454 8.72 9.31 6.95
CA ARG A 454 8.99 10.31 7.97
C ARG A 454 9.21 11.67 7.29
N ARG A 455 9.95 11.65 6.19
CA ARG A 455 10.25 12.87 5.44
C ARG A 455 8.98 13.54 4.92
N VAL A 456 8.10 12.76 4.31
CA VAL A 456 6.85 13.28 3.78
C VAL A 456 5.98 13.81 4.94
N LEU A 457 5.95 13.07 6.04
CA LEU A 457 5.18 13.47 7.22
C LEU A 457 5.66 14.83 7.68
N SER A 458 6.98 14.98 7.75
CA SER A 458 7.61 16.21 8.18
C SER A 458 7.31 17.34 7.21
N ASN A 459 7.41 17.06 5.91
CA ASN A 459 7.13 18.08 4.89
C ASN A 459 5.65 18.51 4.96
N ASN A 460 4.76 17.57 5.23
CA ASN A 460 3.33 17.88 5.33
C ASN A 460 2.99 18.84 6.46
N ASN A 461 3.77 18.81 7.54
CA ASN A 461 3.53 19.72 8.65
C ASN A 461 3.76 21.18 8.22
N LYS A 462 4.70 21.40 7.29
CA LYS A 462 4.97 22.75 6.79
C LYS A 462 3.84 23.20 5.86
N ILE A 463 3.42 22.30 4.97
CA ILE A 463 2.34 22.59 4.04
C ILE A 463 1.11 22.95 4.87
N LEU A 464 0.79 22.08 5.83
CA LEU A 464 -0.36 22.29 6.69
C LEU A 464 -0.26 23.58 7.50
N ALA A 465 0.96 23.92 7.92
CA ALA A 465 1.18 25.14 8.70
C ALA A 465 0.73 26.34 7.86
N VAL A 466 1.10 26.34 6.58
CA VAL A 466 0.70 27.43 5.71
C VAL A 466 -0.81 27.43 5.59
N GLU A 467 -1.41 26.25 5.48
CA GLU A 467 -2.86 26.17 5.36
C GLU A 467 -3.53 26.70 6.64
N TYR A 468 -3.01 26.32 7.81
CA TYR A 468 -3.59 26.81 9.06
C TYR A 468 -3.52 28.33 9.15
N LEU A 469 -2.36 28.89 8.81
CA LEU A 469 -2.21 30.34 8.85
C LEU A 469 -3.15 31.02 7.87
N ALA A 470 -3.27 30.47 6.67
CA ALA A 470 -4.14 31.01 5.64
C ALA A 470 -5.61 30.92 6.03
N ALA A 471 -5.97 29.83 6.70
CA ALA A 471 -7.35 29.64 7.12
C ALA A 471 -7.71 30.69 8.17
N ALA A 472 -6.81 30.91 9.13
CA ALA A 472 -7.05 31.89 10.18
C ALA A 472 -7.14 33.30 9.60
N GLN A 473 -6.27 33.60 8.64
CA GLN A 473 -6.26 34.92 8.00
C GLN A 473 -7.57 35.16 7.25
N ALA A 474 -8.08 34.12 6.61
CA ALA A 474 -9.32 34.22 5.85
C ALA A 474 -10.48 34.54 6.79
N VAL A 475 -10.44 33.97 7.99
CA VAL A 475 -11.48 34.23 8.98
C VAL A 475 -11.46 35.71 9.37
N ASP A 476 -10.27 36.25 9.59
CA ASP A 476 -10.13 37.65 9.96
C ASP A 476 -10.55 38.63 8.87
N ILE A 477 -10.12 38.36 7.64
CA ILE A 477 -10.45 39.23 6.52
C ILE A 477 -11.93 39.27 6.17
N SER A 478 -12.61 38.15 6.38
CA SER A 478 -14.03 38.05 6.06
C SER A 478 -14.92 38.48 7.23
N GLY A 479 -14.34 38.56 8.42
CA GLY A 479 -15.10 38.94 9.61
C GLY A 479 -16.11 37.87 9.96
N ARG A 480 -15.77 36.61 9.68
CA ARG A 480 -16.66 35.49 9.95
C ARG A 480 -16.43 34.72 11.24
N PHE A 481 -15.62 35.29 12.14
CA PHE A 481 -15.33 34.60 13.39
C PHE A 481 -16.56 34.16 14.19
N ASP A 482 -17.50 35.08 14.40
CA ASP A 482 -18.68 34.77 15.20
C ASP A 482 -19.54 33.65 14.63
N GLY A 483 -19.44 33.41 13.33
CA GLY A 483 -20.22 32.36 12.71
C GLY A 483 -19.56 30.99 12.79
N LEU A 484 -18.32 30.95 13.24
CA LEU A 484 -17.58 29.69 13.35
C LEU A 484 -18.15 28.73 14.38
N SER A 485 -18.06 27.44 14.09
CA SER A 485 -18.52 26.41 15.01
C SER A 485 -17.57 26.40 16.19
N PRO A 486 -17.95 25.69 17.28
CA PRO A 486 -17.10 25.62 18.48
C PRO A 486 -15.69 25.12 18.16
N ALA A 487 -15.61 24.06 17.36
CA ALA A 487 -14.31 23.49 16.98
C ALA A 487 -13.50 24.46 16.12
N ALA A 488 -14.16 25.13 15.17
CA ALA A 488 -13.50 26.09 14.30
C ALA A 488 -12.91 27.24 15.10
N LYS A 489 -13.67 27.74 16.08
CA LYS A 489 -13.21 28.82 16.94
C LYS A 489 -11.97 28.40 17.72
N ALA A 490 -11.99 27.18 18.24
CA ALA A 490 -10.86 26.66 19.01
C ALA A 490 -9.61 26.57 18.13
N THR A 491 -9.79 26.13 16.89
CA THR A 491 -8.69 26.02 15.94
C THR A 491 -8.13 27.41 15.67
N TYR A 492 -9.02 28.35 15.39
CA TYR A 492 -8.63 29.73 15.13
C TYR A 492 -7.81 30.30 16.31
N GLU A 493 -8.34 30.13 17.51
CA GLU A 493 -7.67 30.62 18.73
C GLU A 493 -6.29 30.00 18.89
N ALA A 494 -6.18 28.70 18.61
CA ALA A 494 -4.91 28.00 18.73
C ALA A 494 -3.88 28.63 17.78
N VAL A 495 -4.31 28.93 16.55
CA VAL A 495 -3.41 29.55 15.58
C VAL A 495 -3.03 30.95 16.05
N ARG A 496 -4.02 31.73 16.47
CA ARG A 496 -3.78 33.10 16.91
C ARG A 496 -2.95 33.20 18.19
N ARG A 497 -2.98 32.18 19.03
CA ARG A 497 -2.17 32.20 20.23
C ARG A 497 -0.70 32.21 19.80
N LEU A 498 -0.43 31.60 18.64
CA LEU A 498 0.92 31.51 18.12
C LEU A 498 1.29 32.64 17.16
N VAL A 499 0.42 32.92 16.21
CA VAL A 499 0.68 33.94 15.19
C VAL A 499 -0.48 34.92 15.03
N PRO A 500 -0.19 36.23 15.04
CA PRO A 500 -1.20 37.27 14.90
C PRO A 500 -1.70 37.44 13.46
N THR A 501 -2.83 38.13 13.32
CA THR A 501 -3.40 38.40 12.01
C THR A 501 -2.33 39.08 11.16
N LEU A 502 -2.41 38.91 9.84
CA LEU A 502 -1.45 39.53 8.95
C LEU A 502 -2.00 40.86 8.46
N GLY A 503 -1.49 41.96 9.00
CA GLY A 503 -1.91 43.27 8.55
C GLY A 503 -1.07 43.60 7.33
N VAL A 504 0.02 44.35 7.54
CA VAL A 504 0.90 44.69 6.44
C VAL A 504 1.87 43.52 6.24
N ASP A 505 2.48 43.45 5.06
CA ASP A 505 3.43 42.39 4.76
C ASP A 505 4.52 42.31 5.83
N ARG A 506 5.00 41.09 6.07
CA ARG A 506 6.06 40.87 7.05
C ARG A 506 6.78 39.55 6.80
N TYR A 507 8.05 39.49 7.18
CA TYR A 507 8.75 38.22 7.34
C TYR A 507 7.78 37.10 7.70
N MET A 508 7.72 36.08 6.86
CA MET A 508 6.81 34.94 7.09
C MET A 508 7.38 33.65 7.68
N ALA A 509 8.64 33.36 7.39
CA ALA A 509 9.27 32.12 7.84
C ALA A 509 9.12 31.72 9.32
N ASP A 510 9.29 32.67 10.25
CA ASP A 510 9.16 32.33 11.67
C ASP A 510 7.75 31.90 12.02
N ASP A 511 6.76 32.58 11.45
CA ASP A 511 5.36 32.24 11.71
C ASP A 511 5.07 30.84 11.20
N ILE A 512 5.57 30.53 10.01
CA ILE A 512 5.33 29.22 9.42
C ILE A 512 5.96 28.10 10.25
N GLU A 513 7.21 28.32 10.69
CA GLU A 513 7.93 27.32 11.48
C GLU A 513 7.26 27.12 12.84
N LEU A 514 6.71 28.20 13.40
CA LEU A 514 6.05 28.12 14.70
C LEU A 514 4.84 27.20 14.60
N VAL A 515 3.99 27.44 13.60
CA VAL A 515 2.78 26.62 13.42
C VAL A 515 3.16 25.19 13.03
N ALA A 516 4.22 25.04 12.25
CA ALA A 516 4.68 23.72 11.82
C ALA A 516 5.13 22.89 13.02
N ASP A 517 5.82 23.53 13.96
CA ASP A 517 6.28 22.84 15.16
C ASP A 517 5.07 22.43 15.99
N ALA A 518 4.10 23.33 16.11
CA ALA A 518 2.90 23.06 16.88
C ALA A 518 2.20 21.83 16.30
N LEU A 519 2.14 21.77 14.98
CA LEU A 519 1.51 20.65 14.29
C LEU A 519 2.24 19.36 14.62
N SER A 520 3.56 19.37 14.51
CA SER A 520 4.34 18.17 14.80
C SER A 520 4.09 17.72 16.24
N ARG A 521 3.73 18.65 17.11
CA ARG A 521 3.45 18.32 18.51
C ARG A 521 2.01 17.87 18.71
N GLY A 522 1.17 18.06 17.70
CA GLY A 522 -0.22 17.67 17.79
C GLY A 522 -1.04 18.67 18.58
N GLU A 523 -0.57 19.92 18.58
CA GLU A 523 -1.22 21.00 19.32
C GLU A 523 -2.67 21.30 18.91
N PHE A 524 -2.98 21.19 17.63
CA PHE A 524 -4.32 21.48 17.16
C PHE A 524 -5.31 20.38 17.49
N LEU A 525 -4.82 19.15 17.53
CA LEU A 525 -5.65 18.01 17.88
C LEU A 525 -6.00 18.19 19.36
N ARG A 526 -5.00 18.62 20.12
CA ARG A 526 -5.14 18.85 21.55
C ARG A 526 -6.07 20.02 21.85
N ALA A 527 -6.11 20.99 20.94
CA ALA A 527 -6.98 22.16 21.12
C ALA A 527 -8.44 21.75 21.01
N ILE A 528 -8.75 20.88 20.05
CA ILE A 528 -10.12 20.42 19.85
C ILE A 528 -10.58 19.55 21.03
N ALA A 529 -9.68 18.71 21.55
CA ALA A 529 -10.02 17.84 22.67
C ALA A 529 -10.15 18.60 23.98
N ARG A 530 -9.38 19.66 24.13
CA ARG A 530 -9.38 20.47 25.33
C ARG A 530 -10.45 21.57 25.35
N GLU A 531 -10.95 21.95 24.17
CA GLU A 531 -11.95 23.01 24.09
C GLU A 531 -13.33 22.56 23.64
N THR A 532 -13.45 21.35 23.11
CA THR A 532 -14.76 20.87 22.66
C THR A 532 -15.06 19.49 23.21
N ASP A 533 -16.26 19.01 22.94
CA ASP A 533 -16.70 17.69 23.39
C ASP A 533 -16.58 16.71 22.23
N ILE A 534 -15.86 17.13 21.20
CA ILE A 534 -15.60 16.28 20.04
C ILE A 534 -14.62 15.17 20.37
N GLN A 535 -14.85 13.99 19.82
CA GLN A 535 -13.87 12.91 19.86
C GLN A 535 -13.57 12.39 18.46
N LEU A 536 -12.45 12.84 17.90
CA LEU A 536 -12.10 12.51 16.51
C LEU A 536 -11.66 11.06 16.39
N ARG A 537 -12.06 10.42 15.29
CA ARG A 537 -11.57 9.09 14.96
C ARG A 537 -10.16 9.14 14.40
N PRO B 12 -24.94 -18.28 -13.67
CA PRO B 12 -25.03 -16.84 -14.00
C PRO B 12 -24.59 -15.97 -12.82
N VAL B 13 -23.86 -14.91 -13.11
CA VAL B 13 -23.38 -14.00 -12.07
C VAL B 13 -24.47 -12.98 -11.73
N SER B 14 -24.72 -12.82 -10.45
CA SER B 14 -25.73 -11.88 -9.99
C SER B 14 -25.15 -10.50 -9.76
N VAL B 15 -25.58 -9.53 -10.58
CA VAL B 15 -25.11 -8.16 -10.46
C VAL B 15 -26.17 -7.36 -9.73
N ASP B 16 -26.05 -7.32 -8.41
CA ASP B 16 -27.00 -6.66 -7.53
C ASP B 16 -26.44 -5.44 -6.82
N GLY B 17 -25.23 -5.03 -7.17
CA GLY B 17 -24.60 -3.89 -6.52
C GLY B 17 -24.38 -4.10 -5.03
N GLU B 18 -24.42 -5.36 -4.61
CA GLU B 18 -24.25 -5.67 -3.20
C GLU B 18 -23.28 -6.80 -2.85
N THR B 19 -23.30 -7.88 -3.62
CA THR B 19 -22.46 -9.03 -3.32
C THR B 19 -21.48 -9.48 -4.39
N LEU B 20 -21.19 -8.61 -5.35
CA LEU B 20 -20.29 -8.98 -6.42
C LEU B 20 -18.86 -9.10 -5.89
N THR B 21 -18.15 -10.13 -6.32
CA THR B 21 -16.77 -10.34 -5.91
C THR B 21 -15.83 -10.17 -7.08
N VAL B 22 -14.54 -10.02 -6.78
CA VAL B 22 -13.54 -9.87 -7.82
C VAL B 22 -13.54 -11.12 -8.70
N GLU B 23 -13.68 -12.28 -8.07
CA GLU B 23 -13.70 -13.54 -8.80
C GLU B 23 -14.86 -13.59 -9.78
N ALA B 24 -16.03 -13.13 -9.36
CA ALA B 24 -17.20 -13.13 -10.22
C ALA B 24 -16.97 -12.20 -11.40
N VAL B 25 -16.37 -11.04 -11.14
CA VAL B 25 -16.09 -10.08 -12.19
C VAL B 25 -15.24 -10.75 -13.26
N ARG B 26 -14.24 -11.51 -12.82
CA ARG B 26 -13.35 -12.21 -13.75
C ARG B 26 -14.08 -13.30 -14.52
N ARG B 27 -15.08 -13.91 -13.91
CA ARG B 27 -15.84 -14.94 -14.60
C ARG B 27 -16.61 -14.29 -15.75
N VAL B 28 -17.22 -13.15 -15.46
CA VAL B 28 -17.97 -12.42 -16.47
C VAL B 28 -17.04 -11.94 -17.58
N ALA B 29 -15.94 -11.29 -17.19
CA ALA B 29 -14.99 -10.74 -18.16
C ALA B 29 -14.19 -11.77 -18.96
N GLU B 30 -13.56 -12.71 -18.27
CA GLU B 30 -12.73 -13.72 -18.92
C GLU B 30 -13.49 -14.96 -19.39
N GLU B 31 -14.36 -15.48 -18.55
CA GLU B 31 -15.11 -16.69 -18.85
C GLU B 31 -16.43 -16.43 -19.60
N ARG B 32 -16.73 -15.17 -19.85
CA ARG B 32 -17.96 -14.79 -20.54
C ARG B 32 -19.18 -15.34 -19.82
N ALA B 33 -19.10 -15.46 -18.50
CA ALA B 33 -20.22 -15.97 -17.71
C ALA B 33 -21.41 -15.01 -17.87
N THR B 34 -22.62 -15.58 -17.88
CA THR B 34 -23.83 -14.79 -18.03
C THR B 34 -24.07 -13.90 -16.82
N VAL B 35 -24.63 -12.72 -17.06
CA VAL B 35 -24.94 -11.78 -16.01
C VAL B 35 -26.44 -11.66 -15.86
N ASP B 36 -26.89 -11.47 -14.62
CA ASP B 36 -28.30 -11.32 -14.35
C ASP B 36 -28.53 -10.29 -13.28
N VAL B 37 -29.40 -9.33 -13.56
CA VAL B 37 -29.74 -8.31 -12.59
C VAL B 37 -31.02 -8.85 -11.95
N PRO B 38 -30.95 -9.25 -10.68
CA PRO B 38 -32.13 -9.80 -9.99
C PRO B 38 -33.32 -8.85 -9.94
N ALA B 39 -34.52 -9.44 -9.90
CA ALA B 39 -35.76 -8.67 -9.86
C ALA B 39 -35.77 -7.66 -8.73
N GLU B 40 -35.17 -8.03 -7.60
CA GLU B 40 -35.11 -7.14 -6.45
C GLU B 40 -34.33 -5.86 -6.76
N SER B 41 -33.27 -5.97 -7.55
CA SER B 41 -32.49 -4.80 -7.90
C SER B 41 -33.25 -3.95 -8.91
N ILE B 42 -33.98 -4.62 -9.81
CA ILE B 42 -34.76 -3.90 -10.80
C ILE B 42 -35.85 -3.09 -10.11
N ALA B 43 -36.52 -3.69 -9.13
CA ALA B 43 -37.59 -3.02 -8.41
C ALA B 43 -37.05 -1.77 -7.68
N LYS B 44 -35.90 -1.92 -7.03
CA LYS B 44 -35.30 -0.80 -6.32
C LYS B 44 -34.92 0.34 -7.27
N ALA B 45 -34.46 -0.02 -8.45
CA ALA B 45 -34.06 0.96 -9.46
C ALA B 45 -35.28 1.69 -9.98
N GLN B 46 -36.31 0.93 -10.36
CA GLN B 46 -37.54 1.50 -10.87
C GLN B 46 -38.13 2.52 -9.88
N LYS B 47 -38.15 2.15 -8.60
CA LYS B 47 -38.69 3.03 -7.57
C LYS B 47 -37.86 4.30 -7.44
N SER B 48 -36.54 4.17 -7.47
CA SER B 48 -35.64 5.32 -7.35
C SER B 48 -35.85 6.25 -8.53
N ARG B 49 -35.91 5.67 -9.73
CA ARG B 49 -36.10 6.45 -10.95
C ARG B 49 -37.40 7.23 -10.93
N GLU B 50 -38.49 6.55 -10.58
CA GLU B 50 -39.80 7.18 -10.53
C GLU B 50 -39.83 8.37 -9.57
N ILE B 51 -39.31 8.18 -8.36
CA ILE B 51 -39.29 9.27 -7.40
C ILE B 51 -38.36 10.38 -7.92
N PHE B 52 -37.19 9.98 -8.42
CA PHE B 52 -36.24 10.95 -8.93
C PHE B 52 -36.85 11.79 -10.07
N GLU B 53 -37.51 11.13 -11.01
CA GLU B 53 -38.11 11.85 -12.13
C GLU B 53 -39.05 12.93 -11.62
N GLY B 54 -39.83 12.61 -10.59
CA GLY B 54 -40.74 13.58 -10.02
C GLY B 54 -39.99 14.82 -9.55
N ILE B 55 -38.77 14.63 -9.05
CA ILE B 55 -37.97 15.75 -8.57
C ILE B 55 -37.43 16.56 -9.74
N ALA B 56 -36.84 15.87 -10.71
CA ALA B 56 -36.29 16.53 -11.88
C ALA B 56 -37.39 17.27 -12.62
N GLU B 57 -38.58 16.65 -12.66
CA GLU B 57 -39.73 17.23 -13.33
C GLU B 57 -40.07 18.61 -12.79
N GLN B 58 -39.70 18.87 -11.54
CA GLN B 58 -40.00 20.14 -10.89
C GLN B 58 -38.98 21.21 -11.26
N ASN B 59 -37.96 20.81 -12.01
CA ASN B 59 -37.01 21.76 -12.57
C ASN B 59 -36.10 22.37 -11.52
N ILE B 60 -35.93 21.67 -10.41
CA ILE B 60 -35.08 22.14 -9.32
C ILE B 60 -33.61 21.79 -9.58
N PRO B 61 -32.71 22.51 -8.91
CA PRO B 61 -31.28 22.37 -9.17
C PRO B 61 -30.76 20.99 -8.77
N ILE B 62 -30.17 20.28 -9.74
CA ILE B 62 -29.61 18.96 -9.47
C ILE B 62 -28.37 18.89 -10.36
N TYR B 63 -27.20 18.62 -9.78
CA TYR B 63 -25.99 18.56 -10.57
C TYR B 63 -26.07 17.63 -11.78
N GLY B 64 -25.62 18.13 -12.92
CA GLY B 64 -25.60 17.34 -14.14
C GLY B 64 -26.94 16.91 -14.69
N VAL B 65 -28.02 17.38 -14.07
CA VAL B 65 -29.35 17.04 -14.54
C VAL B 65 -30.01 18.33 -14.99
N THR B 66 -29.94 19.35 -14.14
CA THR B 66 -30.49 20.66 -14.47
C THR B 66 -29.41 21.74 -14.32
N THR B 67 -28.15 21.35 -14.54
CA THR B 67 -27.02 22.27 -14.47
C THR B 67 -25.93 21.82 -15.44
N GLY B 68 -24.98 22.71 -15.70
CA GLY B 68 -23.87 22.35 -16.58
C GLY B 68 -22.96 21.39 -15.82
N TYR B 69 -21.90 20.91 -16.46
CA TYR B 69 -20.99 19.96 -15.80
C TYR B 69 -19.68 20.52 -15.29
N GLY B 70 -19.14 19.87 -14.27
CA GLY B 70 -17.90 20.31 -13.68
C GLY B 70 -17.95 21.77 -13.27
N GLU B 71 -16.97 22.53 -13.73
CA GLU B 71 -16.88 23.96 -13.44
C GLU B 71 -18.11 24.74 -13.89
N MET B 72 -18.72 24.30 -14.99
CA MET B 72 -19.91 24.99 -15.50
C MET B 72 -21.21 24.63 -14.78
N ILE B 73 -21.09 24.24 -13.52
CA ILE B 73 -22.25 23.89 -12.71
C ILE B 73 -23.05 25.19 -12.46
N TYR B 74 -22.41 26.34 -12.67
CA TYR B 74 -23.08 27.61 -12.46
C TYR B 74 -24.13 27.86 -13.57
N MET B 75 -24.06 27.09 -14.65
CA MET B 75 -25.03 27.24 -15.74
C MET B 75 -26.25 26.41 -15.39
N GLN B 76 -27.42 27.05 -15.36
CA GLN B 76 -28.66 26.36 -15.03
C GLN B 76 -29.36 25.94 -16.32
N VAL B 77 -29.64 24.65 -16.45
CA VAL B 77 -30.28 24.13 -17.65
C VAL B 77 -31.70 23.65 -17.36
N ASP B 78 -32.64 24.11 -18.18
CA ASP B 78 -34.05 23.76 -18.04
C ASP B 78 -34.30 22.29 -18.37
N LYS B 79 -35.30 21.71 -17.72
CA LYS B 79 -35.64 20.31 -17.94
C LYS B 79 -36.05 20.02 -19.37
N SER B 80 -36.33 21.06 -20.15
CA SER B 80 -36.73 20.86 -21.55
C SER B 80 -35.54 20.41 -22.39
N LYS B 81 -34.34 20.50 -21.82
CA LYS B 81 -33.11 20.11 -22.52
C LYS B 81 -32.59 18.77 -22.02
N GLU B 82 -33.43 18.05 -21.26
CA GLU B 82 -33.09 16.76 -20.68
C GLU B 82 -32.15 15.86 -21.50
N VAL B 83 -32.66 15.36 -22.63
CA VAL B 83 -31.90 14.46 -23.48
C VAL B 83 -30.65 15.07 -24.10
N GLU B 84 -30.73 16.35 -24.48
CA GLU B 84 -29.59 17.00 -25.10
C GLU B 84 -28.44 17.17 -24.10
N LEU B 85 -28.78 17.60 -22.88
CA LEU B 85 -27.77 17.79 -21.85
C LEU B 85 -26.95 16.52 -21.67
N GLN B 86 -27.63 15.41 -21.41
CA GLN B 86 -27.00 14.12 -21.19
C GLN B 86 -26.23 13.63 -22.42
N THR B 87 -26.78 13.89 -23.59
CA THR B 87 -26.16 13.46 -24.84
C THR B 87 -24.90 14.27 -25.14
N ASN B 88 -24.96 15.59 -24.94
CA ASN B 88 -23.81 16.44 -25.21
C ASN B 88 -22.63 16.07 -24.32
N LEU B 89 -22.93 15.69 -23.08
CA LEU B 89 -21.92 15.29 -22.11
C LEU B 89 -21.12 14.09 -22.62
N VAL B 90 -21.85 13.02 -22.93
CA VAL B 90 -21.26 11.78 -23.42
C VAL B 90 -20.42 11.98 -24.67
N ARG B 91 -20.91 12.81 -25.59
CA ARG B 91 -20.18 13.07 -26.83
C ARG B 91 -18.91 13.88 -26.55
N SER B 92 -19.08 15.06 -25.97
CA SER B 92 -17.96 15.93 -25.65
C SER B 92 -16.90 15.29 -24.74
N HIS B 93 -17.27 14.26 -23.98
CA HIS B 93 -16.30 13.63 -23.10
C HIS B 93 -15.69 12.34 -23.62
N SER B 94 -16.15 11.91 -24.79
CA SER B 94 -15.58 10.72 -25.41
C SER B 94 -14.33 11.24 -26.12
N ALA B 95 -13.29 11.47 -25.33
CA ALA B 95 -12.02 11.98 -25.85
C ALA B 95 -10.85 11.11 -25.46
N GLY B 96 -11.09 9.81 -25.28
CA GLY B 96 -10.02 8.91 -24.90
C GLY B 96 -9.01 8.73 -26.02
N VAL B 97 -7.77 8.42 -25.68
CA VAL B 97 -6.73 8.20 -26.68
C VAL B 97 -5.89 6.99 -26.33
N GLY B 98 -4.95 6.64 -27.21
CA GLY B 98 -4.08 5.51 -26.98
C GLY B 98 -4.68 4.18 -27.44
N PRO B 99 -4.12 3.05 -26.96
CA PRO B 99 -4.61 1.71 -27.32
C PRO B 99 -5.98 1.44 -26.72
N LEU B 100 -6.68 0.48 -27.30
CA LEU B 100 -8.00 0.10 -26.81
C LEU B 100 -7.82 -1.05 -25.83
N PHE B 101 -8.65 -1.08 -24.79
CA PHE B 101 -8.57 -2.17 -23.82
C PHE B 101 -8.98 -3.45 -24.56
N ALA B 102 -8.47 -4.59 -24.08
CA ALA B 102 -8.83 -5.87 -24.69
C ALA B 102 -10.28 -6.17 -24.33
N GLU B 103 -10.85 -7.17 -25.00
CA GLU B 103 -12.23 -7.54 -24.75
C GLU B 103 -12.54 -7.86 -23.29
N ASP B 104 -11.69 -8.65 -22.64
CA ASP B 104 -11.93 -9.01 -21.24
C ASP B 104 -11.85 -7.81 -20.30
N GLU B 105 -10.96 -6.87 -20.60
CA GLU B 105 -10.82 -5.68 -19.76
C GLU B 105 -12.05 -4.80 -19.93
N ALA B 106 -12.52 -4.65 -21.17
CA ALA B 106 -13.70 -3.84 -21.45
C ALA B 106 -14.92 -4.44 -20.75
N ARG B 107 -15.04 -5.77 -20.80
CA ARG B 107 -16.17 -6.46 -20.15
C ARG B 107 -16.14 -6.21 -18.65
N ALA B 108 -14.97 -6.26 -18.04
CA ALA B 108 -14.87 -6.03 -16.60
C ALA B 108 -15.35 -4.61 -16.26
N ILE B 109 -14.95 -3.64 -17.09
CA ILE B 109 -15.35 -2.26 -16.85
C ILE B 109 -16.86 -2.11 -16.95
N VAL B 110 -17.46 -2.72 -17.97
CA VAL B 110 -18.91 -2.64 -18.15
C VAL B 110 -19.60 -3.28 -16.96
N ALA B 111 -19.11 -4.46 -16.55
CA ALA B 111 -19.70 -5.18 -15.43
C ALA B 111 -19.65 -4.35 -14.15
N ALA B 112 -18.53 -3.64 -13.95
CA ALA B 112 -18.37 -2.79 -12.77
C ALA B 112 -19.40 -1.66 -12.80
N ARG B 113 -19.59 -1.06 -13.97
CA ARG B 113 -20.54 0.03 -14.10
C ARG B 113 -21.97 -0.48 -13.86
N LEU B 114 -22.26 -1.67 -14.40
CA LEU B 114 -23.58 -2.26 -14.23
C LEU B 114 -23.88 -2.51 -12.75
N ASN B 115 -22.90 -3.04 -12.03
CA ASN B 115 -23.10 -3.32 -10.61
C ASN B 115 -23.33 -2.06 -9.80
N THR B 116 -22.62 -0.99 -10.15
CA THR B 116 -22.75 0.30 -9.48
C THR B 116 -24.19 0.82 -9.58
N LEU B 117 -24.71 0.80 -10.80
CA LEU B 117 -26.05 1.28 -11.06
C LEU B 117 -27.10 0.35 -10.48
N ALA B 118 -26.76 -0.94 -10.43
CA ALA B 118 -27.67 -1.94 -9.88
C ALA B 118 -27.89 -1.74 -8.38
N LYS B 119 -27.00 -0.98 -7.75
CA LYS B 119 -27.11 -0.73 -6.31
C LYS B 119 -28.38 0.08 -6.00
N GLY B 120 -28.86 0.82 -6.99
CA GLY B 120 -30.09 1.60 -6.83
C GLY B 120 -30.06 3.06 -6.43
N HIS B 121 -28.89 3.64 -6.22
CA HIS B 121 -28.83 5.04 -5.82
C HIS B 121 -28.50 5.99 -6.96
N SER B 122 -28.40 5.47 -8.17
CA SER B 122 -28.05 6.31 -9.33
C SER B 122 -29.25 6.88 -10.06
N ALA B 123 -30.45 6.42 -9.71
CA ALA B 123 -31.70 6.88 -10.31
C ALA B 123 -31.75 6.74 -11.83
N VAL B 124 -31.23 5.64 -12.34
CA VAL B 124 -31.25 5.41 -13.77
C VAL B 124 -32.44 4.50 -14.09
N ARG B 125 -32.95 4.56 -15.31
CA ARG B 125 -34.08 3.70 -15.68
C ARG B 125 -33.58 2.27 -15.71
N PRO B 126 -34.43 1.31 -15.32
CA PRO B 126 -34.03 -0.10 -15.33
C PRO B 126 -33.50 -0.53 -16.70
N ILE B 127 -33.99 0.12 -17.76
CA ILE B 127 -33.58 -0.18 -19.12
C ILE B 127 -32.07 -0.05 -19.30
N ILE B 128 -31.46 0.90 -18.61
CA ILE B 128 -30.02 1.10 -18.71
C ILE B 128 -29.30 -0.13 -18.17
N LEU B 129 -29.80 -0.67 -17.06
CA LEU B 129 -29.24 -1.86 -16.45
C LEU B 129 -29.43 -3.02 -17.41
N GLU B 130 -30.64 -3.12 -17.96
CA GLU B 130 -30.97 -4.19 -18.90
C GLU B 130 -30.10 -4.15 -20.16
N ARG B 131 -29.83 -2.94 -20.66
CA ARG B 131 -29.03 -2.82 -21.86
C ARG B 131 -27.57 -3.18 -21.62
N LEU B 132 -27.01 -2.69 -20.51
CA LEU B 132 -25.62 -3.02 -20.19
C LEU B 132 -25.53 -4.54 -20.04
N ALA B 133 -26.51 -5.12 -19.37
CA ALA B 133 -26.54 -6.57 -19.16
C ALA B 133 -26.62 -7.28 -20.51
N GLN B 134 -27.38 -6.71 -21.44
CA GLN B 134 -27.55 -7.29 -22.77
C GLN B 134 -26.26 -7.25 -23.57
N TYR B 135 -25.52 -6.14 -23.47
CA TYR B 135 -24.26 -6.03 -24.19
C TYR B 135 -23.28 -7.10 -23.72
N LEU B 136 -23.27 -7.35 -22.42
CA LEU B 136 -22.39 -8.36 -21.84
C LEU B 136 -22.83 -9.76 -22.25
N ASN B 137 -24.14 -10.02 -22.15
CA ASN B 137 -24.70 -11.33 -22.49
C ASN B 137 -24.68 -11.64 -23.99
N GLU B 138 -24.75 -10.61 -24.82
CA GLU B 138 -24.73 -10.81 -26.27
C GLU B 138 -23.35 -10.62 -26.90
N GLY B 139 -22.36 -10.27 -26.08
CA GLY B 139 -21.01 -10.09 -26.60
C GLY B 139 -20.73 -8.79 -27.32
N ILE B 140 -21.50 -7.75 -27.03
CA ILE B 140 -21.27 -6.45 -27.68
C ILE B 140 -20.26 -5.74 -26.78
N THR B 141 -19.02 -5.64 -27.26
CA THR B 141 -17.95 -5.04 -26.48
C THR B 141 -17.51 -3.67 -26.95
N PRO B 142 -17.68 -2.65 -26.08
CA PRO B 142 -17.28 -1.27 -26.41
C PRO B 142 -15.78 -1.17 -26.68
N ALA B 143 -15.41 -0.27 -27.59
CA ALA B 143 -14.02 -0.02 -27.91
C ALA B 143 -13.66 1.11 -26.94
N ILE B 144 -12.86 0.79 -25.92
CA ILE B 144 -12.48 1.75 -24.90
C ILE B 144 -11.01 2.13 -24.93
N PRO B 145 -10.70 3.39 -25.27
CA PRO B 145 -9.29 3.83 -25.31
C PRO B 145 -8.79 3.79 -23.84
N GLU B 146 -7.54 3.40 -23.65
CA GLU B 146 -6.97 3.28 -22.31
C GLU B 146 -6.57 4.57 -21.61
N ILE B 147 -6.35 5.63 -22.39
CA ILE B 147 -5.91 6.89 -21.82
C ILE B 147 -6.94 8.01 -21.90
N GLY B 148 -7.06 8.76 -20.80
CA GLY B 148 -7.98 9.88 -20.74
C GLY B 148 -8.51 10.15 -19.35
N SER B 149 -8.70 9.10 -18.56
CA SER B 149 -9.20 9.22 -17.20
C SER B 149 -8.24 9.90 -16.23
N LEU B 150 -8.78 10.74 -15.37
CA LEU B 150 -8.00 11.43 -14.33
C LEU B 150 -8.37 10.73 -13.02
N GLY B 151 -9.25 9.74 -13.12
CA GLY B 151 -9.67 8.97 -11.97
C GLY B 151 -10.44 9.77 -10.95
N ASP B 153 -13.18 8.17 -13.98
CA ASP B 153 -12.91 7.57 -15.29
C ASP B 153 -13.83 8.07 -16.42
N LEU B 154 -13.99 9.39 -16.54
CA LEU B 154 -14.87 10.01 -17.52
C LEU B 154 -14.70 9.60 -18.97
N ALA B 155 -13.50 9.81 -19.52
CA ALA B 155 -13.25 9.48 -20.92
C ALA B 155 -13.58 8.02 -21.29
N PRO B 156 -12.95 7.04 -20.61
CA PRO B 156 -13.22 5.64 -20.93
C PRO B 156 -14.70 5.28 -20.84
N LEU B 157 -15.35 5.72 -19.76
CA LEU B 157 -16.75 5.40 -19.57
C LEU B 157 -17.65 6.12 -20.57
N SER B 158 -17.21 7.28 -21.06
CA SER B 158 -17.99 8.01 -22.05
C SER B 158 -18.02 7.23 -23.35
N HIS B 159 -16.95 6.50 -23.64
CA HIS B 159 -16.91 5.69 -24.85
C HIS B 159 -17.85 4.50 -24.71
N VAL B 160 -18.01 4.02 -23.47
CA VAL B 160 -18.92 2.92 -23.19
C VAL B 160 -20.34 3.45 -23.36
N ALA B 161 -20.60 4.61 -22.76
CA ALA B 161 -21.92 5.22 -22.83
C ALA B 161 -22.32 5.48 -24.29
N SER B 162 -21.34 5.90 -25.10
CA SER B 162 -21.61 6.15 -26.51
C SER B 162 -22.22 4.93 -27.20
N THR B 163 -21.71 3.74 -26.91
CA THR B 163 -22.23 2.54 -27.54
C THR B 163 -23.68 2.23 -27.18
N LEU B 164 -24.18 2.81 -26.08
CA LEU B 164 -25.56 2.58 -25.67
C LEU B 164 -26.53 3.41 -26.49
N ILE B 165 -26.06 4.54 -27.00
CA ILE B 165 -26.91 5.41 -27.80
C ILE B 165 -26.58 5.27 -29.29
N GLY B 166 -25.98 4.15 -29.65
CA GLY B 166 -25.64 3.89 -31.04
C GLY B 166 -24.50 4.71 -31.60
N GLU B 167 -23.66 5.24 -30.71
CA GLU B 167 -22.53 6.05 -31.13
C GLU B 167 -21.23 5.42 -30.68
N GLY B 168 -20.11 6.03 -31.04
CA GLY B 168 -18.83 5.48 -30.65
C GLY B 168 -18.48 4.22 -31.43
N TYR B 169 -17.69 3.34 -30.80
CA TYR B 169 -17.28 2.11 -31.46
C TYR B 169 -17.32 0.89 -30.56
N VAL B 170 -17.42 -0.27 -31.18
CA VAL B 170 -17.43 -1.54 -30.46
C VAL B 170 -16.26 -2.35 -31.00
N LEU B 171 -15.67 -3.13 -30.11
CA LEU B 171 -14.51 -3.94 -30.44
C LEU B 171 -14.86 -5.25 -31.16
N ARG B 172 -14.22 -5.46 -32.30
CA ARG B 172 -14.42 -6.67 -33.09
C ARG B 172 -13.09 -7.09 -33.69
N ASP B 173 -12.57 -8.22 -33.21
CA ASP B 173 -11.29 -8.74 -33.68
C ASP B 173 -10.18 -7.75 -33.39
N GLY B 174 -10.26 -7.08 -32.25
CA GLY B 174 -9.25 -6.11 -31.87
C GLY B 174 -9.34 -4.82 -32.66
N ARG B 175 -10.38 -4.71 -33.48
CA ARG B 175 -10.60 -3.53 -34.29
C ARG B 175 -11.89 -2.81 -33.92
N PRO B 176 -11.87 -1.47 -33.92
CA PRO B 176 -13.05 -0.68 -33.59
C PRO B 176 -14.01 -0.62 -34.77
N VAL B 177 -15.28 -0.93 -34.52
CA VAL B 177 -16.30 -0.92 -35.55
C VAL B 177 -17.44 0.01 -35.12
N GLU B 178 -17.87 0.82 -35.98
CA GLU B 178 -18.93 1.72 -35.77
C GLU B 178 -20.12 1.07 -35.09
N THR B 179 -20.48 1.55 -33.89
CA THR B 179 -21.56 0.98 -33.10
C THR B 179 -22.90 0.93 -33.85
N ALA B 180 -23.24 2.00 -34.55
CA ALA B 180 -24.49 2.06 -35.29
C ALA B 180 -24.68 0.81 -36.13
N GLN B 181 -23.67 0.47 -36.93
CA GLN B 181 -23.72 -0.70 -37.78
C GLN B 181 -23.91 -2.00 -37.00
N VAL B 182 -23.18 -2.14 -35.89
CA VAL B 182 -23.26 -3.35 -35.09
C VAL B 182 -24.67 -3.54 -34.51
N LEU B 183 -25.28 -2.45 -34.06
CA LEU B 183 -26.64 -2.54 -33.50
C LEU B 183 -27.66 -2.83 -34.58
N ALA B 184 -27.51 -2.19 -35.74
CA ALA B 184 -28.43 -2.39 -36.85
C ALA B 184 -28.41 -3.87 -37.22
N GLU B 185 -27.20 -4.43 -37.27
CA GLU B 185 -27.02 -5.84 -37.58
C GLU B 185 -27.66 -6.76 -36.54
N ARG B 186 -27.18 -6.68 -35.31
CA ARG B 186 -27.68 -7.52 -34.24
C ARG B 186 -29.14 -7.26 -33.89
N GLY B 187 -29.75 -6.34 -34.61
CA GLY B 187 -31.15 -6.02 -34.37
C GLY B 187 -31.40 -5.44 -32.99
N ILE B 188 -30.90 -4.24 -32.76
CA ILE B 188 -31.07 -3.55 -31.49
C ILE B 188 -31.23 -2.07 -31.75
N GLU B 189 -32.19 -1.45 -31.06
CA GLU B 189 -32.44 -0.03 -31.23
C GLU B 189 -31.76 0.78 -30.13
N PRO B 190 -30.89 1.72 -30.51
CA PRO B 190 -30.18 2.56 -29.54
C PRO B 190 -31.12 3.18 -28.53
N LEU B 191 -30.61 3.49 -27.35
CA LEU B 191 -31.41 4.11 -26.31
C LEU B 191 -31.27 5.64 -26.40
N GLU B 192 -32.08 6.32 -25.62
CA GLU B 192 -32.06 7.77 -25.54
C GLU B 192 -31.71 8.04 -24.07
N LEU B 193 -30.81 8.96 -23.82
CA LEU B 193 -30.42 9.26 -22.44
C LEU B 193 -31.35 10.24 -21.75
N ARG B 194 -32.05 9.76 -20.73
CA ARG B 194 -32.97 10.61 -19.98
C ARG B 194 -32.25 11.25 -18.80
N PHE B 195 -32.99 11.99 -17.97
CA PHE B 195 -32.41 12.66 -16.81
C PHE B 195 -31.34 11.86 -16.09
N LYS B 196 -30.15 12.44 -15.95
CA LYS B 196 -29.03 11.84 -15.22
C LYS B 196 -28.38 10.57 -15.77
N GLU B 197 -28.96 9.95 -16.78
CA GLU B 197 -28.41 8.72 -17.32
C GLU B 197 -27.05 8.83 -18.03
N GLY B 198 -26.79 9.95 -18.69
CA GLY B 198 -25.50 10.09 -19.35
C GLY B 198 -24.43 10.20 -18.28
N LEU B 199 -24.68 11.06 -17.30
CA LEU B 199 -23.76 11.28 -16.20
C LEU B 199 -23.53 10.03 -15.35
N ALA B 200 -24.63 9.35 -14.98
CA ALA B 200 -24.54 8.15 -14.16
C ALA B 200 -23.67 7.08 -14.79
N LEU B 201 -23.72 6.99 -16.12
CA LEU B 201 -22.94 6.01 -16.84
C LEU B 201 -21.43 6.28 -16.85
N ILE B 202 -21.06 7.56 -16.77
CA ILE B 202 -19.64 7.91 -16.84
C ILE B 202 -19.01 8.47 -15.57
N ASN B 203 -19.81 8.81 -14.57
CA ASN B 203 -19.29 9.40 -13.35
C ASN B 203 -18.90 8.42 -12.25
N GLY B 204 -17.93 7.56 -12.53
CA GLY B 204 -17.50 6.58 -11.54
C GLY B 204 -16.10 6.02 -11.72
N THR B 205 -15.76 5.04 -10.88
CA THR B 205 -14.44 4.40 -10.89
C THR B 205 -14.42 3.05 -11.61
N SER B 206 -15.47 2.75 -12.36
CA SER B 206 -15.57 1.47 -13.04
C SER B 206 -14.40 1.11 -13.96
N GLY B 207 -13.71 2.12 -14.48
CA GLY B 207 -12.57 1.83 -15.33
C GLY B 207 -11.47 1.18 -14.51
N MET B 208 -11.02 1.88 -13.48
CA MET B 208 -9.94 1.38 -12.63
C MET B 208 -10.39 0.20 -11.79
N THR B 209 -11.65 0.18 -11.37
CA THR B 209 -12.16 -0.91 -10.54
C THR B 209 -12.37 -2.20 -11.34
N GLY B 210 -12.82 -2.06 -12.58
CA GLY B 210 -13.01 -3.22 -13.42
C GLY B 210 -11.68 -3.85 -13.80
N LEU B 211 -10.75 -3.01 -14.26
CA LEU B 211 -9.42 -3.47 -14.66
C LEU B 211 -8.65 -3.92 -13.43
N GLY B 212 -8.80 -3.18 -12.34
CA GLY B 212 -8.11 -3.54 -11.11
C GLY B 212 -8.55 -4.90 -10.61
N SER B 213 -9.82 -5.25 -10.82
CA SER B 213 -10.31 -6.54 -10.38
C SER B 213 -9.59 -7.67 -11.13
N LEU B 214 -9.45 -7.52 -12.44
CA LEU B 214 -8.77 -8.53 -13.24
C LEU B 214 -7.33 -8.67 -12.76
N VAL B 215 -6.63 -7.54 -12.64
CA VAL B 215 -5.24 -7.54 -12.21
C VAL B 215 -5.02 -8.21 -10.84
N VAL B 216 -5.82 -7.82 -9.85
CA VAL B 216 -5.68 -8.37 -8.51
C VAL B 216 -5.97 -9.88 -8.47
N GLY B 217 -7.02 -10.30 -9.16
CA GLY B 217 -7.34 -11.72 -9.18
C GLY B 217 -6.18 -12.49 -9.81
N ARG B 218 -5.65 -11.95 -10.91
CA ARG B 218 -4.54 -12.57 -11.61
C ARG B 218 -3.26 -12.49 -10.79
N ALA B 219 -3.08 -11.40 -10.06
CA ALA B 219 -1.89 -11.22 -9.24
C ALA B 219 -1.84 -12.31 -8.17
N LEU B 220 -3.00 -12.66 -7.60
CA LEU B 220 -3.03 -13.71 -6.57
C LEU B 220 -2.62 -15.04 -7.19
N GLU B 221 -3.08 -15.28 -8.41
CA GLU B 221 -2.74 -16.51 -9.12
C GLU B 221 -1.25 -16.49 -9.45
N GLN B 222 -0.70 -15.30 -9.68
CA GLN B 222 0.72 -15.17 -10.00
C GLN B 222 1.52 -15.48 -8.75
N ALA B 223 1.01 -15.03 -7.60
CA ALA B 223 1.67 -15.30 -6.33
C ALA B 223 1.73 -16.81 -6.14
N GLN B 224 0.64 -17.49 -6.49
CA GLN B 224 0.59 -18.94 -6.36
C GLN B 224 1.55 -19.64 -7.31
N GLN B 225 1.65 -19.15 -8.54
CA GLN B 225 2.52 -19.79 -9.51
C GLN B 225 3.99 -19.53 -9.21
N ALA B 226 4.26 -18.47 -8.44
CA ALA B 226 5.63 -18.16 -8.04
C ALA B 226 6.00 -19.16 -6.95
N GLU B 227 5.05 -19.44 -6.06
CA GLU B 227 5.26 -20.39 -4.98
C GLU B 227 5.45 -21.79 -5.59
N ILE B 228 4.71 -22.08 -6.65
CA ILE B 228 4.82 -23.38 -7.31
C ILE B 228 6.20 -23.62 -7.92
N VAL B 229 6.73 -22.65 -8.65
CA VAL B 229 8.05 -22.84 -9.25
C VAL B 229 9.15 -22.77 -8.18
N THR B 230 8.91 -21.97 -7.15
CA THR B 230 9.89 -21.84 -6.06
C THR B 230 10.05 -23.19 -5.37
N ALA B 231 8.92 -23.87 -5.15
CA ALA B 231 8.93 -25.18 -4.50
C ALA B 231 9.71 -26.19 -5.34
N LEU B 232 9.47 -26.19 -6.66
CA LEU B 232 10.18 -27.11 -7.56
C LEU B 232 11.68 -26.83 -7.48
N LEU B 233 12.05 -25.55 -7.57
CA LEU B 233 13.44 -25.16 -7.50
C LEU B 233 14.09 -25.61 -6.20
N ILE B 234 13.43 -25.35 -5.08
CA ILE B 234 13.95 -25.74 -3.78
C ILE B 234 14.24 -27.24 -3.73
N GLU B 235 13.37 -28.02 -4.35
CA GLU B 235 13.55 -29.47 -4.37
C GLU B 235 14.72 -29.83 -5.27
N ALA B 236 14.81 -29.15 -6.42
CA ALA B 236 15.90 -29.42 -7.35
C ALA B 236 17.27 -29.16 -6.72
N VAL B 237 17.41 -28.05 -5.99
CA VAL B 237 18.70 -27.74 -5.35
C VAL B 237 18.75 -28.28 -3.92
N ARG B 238 17.78 -29.11 -3.57
CA ARG B 238 17.68 -29.73 -2.25
C ARG B 238 17.84 -28.77 -1.09
N GLY B 239 16.98 -27.76 -1.05
CA GLY B 239 17.03 -26.79 0.03
C GLY B 239 16.43 -27.35 1.30
N SER B 240 16.57 -26.61 2.40
CA SER B 240 16.04 -27.01 3.70
C SER B 240 14.55 -26.66 3.84
N THR B 241 13.83 -27.47 4.61
CA THR B 241 12.41 -27.23 4.83
C THR B 241 12.18 -26.38 6.08
N SER B 242 13.23 -26.20 6.87
CA SER B 242 13.16 -25.45 8.12
C SER B 242 12.46 -24.07 8.02
N PRO B 243 12.76 -23.27 6.99
CA PRO B 243 12.15 -21.95 6.82
C PRO B 243 10.63 -21.92 6.72
N PHE B 244 10.04 -23.05 6.35
CA PHE B 244 8.60 -23.14 6.16
C PHE B 244 7.80 -23.75 7.31
N LEU B 245 8.49 -24.10 8.39
CA LEU B 245 7.83 -24.69 9.55
C LEU B 245 6.78 -23.74 10.13
N ALA B 246 5.59 -24.28 10.39
CA ALA B 246 4.47 -23.49 10.91
C ALA B 246 4.78 -22.64 12.14
N GLU B 247 5.60 -23.15 13.05
CA GLU B 247 5.92 -22.40 14.27
C GLU B 247 6.56 -21.04 13.98
N GLY B 248 7.39 -20.97 12.95
CA GLY B 248 8.03 -19.71 12.62
C GLY B 248 7.11 -18.63 12.08
N HIS B 249 5.90 -19.02 11.70
CA HIS B 249 4.94 -18.07 11.16
C HIS B 249 3.66 -17.96 11.99
N ASP B 250 2.91 -19.06 12.03
CA ASP B 250 1.65 -19.11 12.79
C ASP B 250 1.84 -18.61 14.22
N ILE B 251 3.00 -18.90 14.81
CA ILE B 251 3.28 -18.48 16.17
C ILE B 251 4.22 -17.27 16.28
N ALA B 252 5.42 -17.40 15.72
CA ALA B 252 6.44 -16.36 15.79
C ALA B 252 6.20 -15.02 15.08
N ARG B 253 5.60 -15.04 13.89
CA ARG B 253 5.38 -13.81 13.13
C ARG B 253 4.12 -14.01 12.29
N PRO B 254 2.95 -13.97 12.95
CA PRO B 254 1.63 -14.16 12.32
C PRO B 254 1.06 -13.22 11.27
N HIS B 255 1.86 -12.80 10.29
CA HIS B 255 1.32 -11.96 9.22
C HIS B 255 0.50 -12.95 8.39
N GLU B 256 -0.73 -12.58 8.06
CA GLU B 256 -1.62 -13.45 7.30
C GLU B 256 -1.01 -14.00 6.01
N GLY B 257 -0.46 -13.11 5.19
CA GLY B 257 0.13 -13.54 3.94
C GLY B 257 1.30 -14.48 4.16
N GLN B 258 2.09 -14.22 5.19
CA GLN B 258 3.26 -15.03 5.48
C GLN B 258 2.84 -16.44 5.89
N ILE B 259 1.76 -16.52 6.66
CA ILE B 259 1.24 -17.80 7.10
C ILE B 259 0.79 -18.61 5.88
N ASP B 260 0.11 -17.96 4.94
CA ASP B 260 -0.39 -18.64 3.76
C ASP B 260 0.70 -19.16 2.82
N THR B 261 1.73 -18.36 2.60
CA THR B 261 2.82 -18.80 1.72
C THR B 261 3.53 -20.01 2.31
N ALA B 262 3.84 -19.96 3.61
CA ALA B 262 4.50 -21.07 4.27
C ALA B 262 3.66 -22.34 4.16
N ALA B 263 2.36 -22.21 4.43
CA ALA B 263 1.44 -23.35 4.34
C ALA B 263 1.45 -23.93 2.93
N ASN B 264 1.43 -23.06 1.92
CA ASN B 264 1.45 -23.52 0.54
C ASN B 264 2.76 -24.23 0.21
N MET B 265 3.87 -23.66 0.67
CA MET B 265 5.18 -24.25 0.43
C MET B 265 5.28 -25.63 1.06
N ARG B 266 4.76 -25.78 2.27
CA ARG B 266 4.79 -27.08 2.94
C ARG B 266 3.96 -28.10 2.16
N ALA B 267 2.78 -27.68 1.70
CA ALA B 267 1.90 -28.56 0.95
C ALA B 267 2.51 -28.94 -0.41
N LEU B 268 3.14 -27.96 -1.06
CA LEU B 268 3.75 -28.19 -2.36
C LEU B 268 4.93 -29.17 -2.33
N MET B 269 5.75 -29.06 -1.30
CA MET B 269 6.92 -29.93 -1.19
C MET B 269 6.68 -31.21 -0.39
N ARG B 270 5.43 -31.44 0.00
CA ARG B 270 5.08 -32.65 0.76
C ARG B 270 5.33 -33.89 -0.11
N GLY B 271 6.05 -34.86 0.45
CA GLY B 271 6.35 -36.06 -0.30
C GLY B 271 7.64 -36.03 -1.09
N SER B 272 8.45 -34.98 -0.90
CA SER B 272 9.72 -34.87 -1.62
C SER B 272 10.83 -35.69 -1.00
N GLY B 273 11.64 -36.30 -1.86
CA GLY B 273 12.76 -37.08 -1.38
C GLY B 273 14.03 -36.28 -1.52
N LEU B 274 13.90 -35.07 -2.06
CA LEU B 274 15.05 -34.19 -2.27
C LEU B 274 15.25 -33.12 -1.20
N THR B 275 14.17 -32.63 -0.61
CA THR B 275 14.30 -31.61 0.42
C THR B 275 14.98 -32.21 1.64
N VAL B 276 15.65 -31.37 2.42
CA VAL B 276 16.34 -31.84 3.62
C VAL B 276 15.82 -31.15 4.87
N GLU B 277 15.66 -31.91 5.94
CA GLU B 277 15.18 -31.36 7.19
C GLU B 277 16.36 -30.78 7.97
N HIS B 278 16.11 -29.77 8.77
CA HIS B 278 17.16 -29.13 9.54
C HIS B 278 17.93 -30.15 10.37
N ALA B 279 17.21 -31.09 10.99
CA ALA B 279 17.85 -32.12 11.80
C ALA B 279 18.91 -32.87 11.01
N ASP B 280 18.62 -33.15 9.74
CA ASP B 280 19.56 -33.86 8.89
C ASP B 280 20.77 -32.99 8.53
N LEU B 281 20.54 -31.72 8.25
CA LEU B 281 21.64 -30.81 7.90
C LEU B 281 22.63 -30.62 9.06
N ARG B 282 22.12 -30.33 10.26
CA ARG B 282 23.02 -30.12 11.39
C ARG B 282 23.79 -31.38 11.74
N ARG B 283 23.17 -32.55 11.56
CA ARG B 283 23.82 -33.82 11.86
C ARG B 283 24.92 -34.07 10.83
N GLU B 284 24.61 -33.84 9.57
CA GLU B 284 25.58 -34.02 8.50
C GLU B 284 26.74 -33.06 8.70
N LEU B 285 26.45 -31.90 9.28
CA LEU B 285 27.46 -30.91 9.53
C LEU B 285 28.28 -31.23 10.78
N GLN B 286 27.62 -31.80 11.79
CA GLN B 286 28.34 -32.16 13.01
C GLN B 286 29.36 -33.26 12.75
N LYS B 287 29.03 -34.19 11.86
CA LYS B 287 29.94 -35.27 11.53
C LYS B 287 31.11 -34.77 10.70
N ASP B 288 30.85 -33.75 9.89
CA ASP B 288 31.87 -33.18 9.02
C ASP B 288 32.87 -32.31 9.79
N LYS B 289 32.49 -31.91 10.98
CA LYS B 289 33.34 -31.18 11.84
C LYS B 289 34.24 -32.07 12.62
N GLU B 290 35.45 -31.68 12.81
CA GLU B 290 36.24 -32.46 13.66
C GLU B 290 36.41 -31.78 14.91
N ALA B 291 36.76 -32.50 15.94
CA ALA B 291 36.88 -31.90 17.26
C ALA B 291 38.09 -31.12 17.89
N GLY B 292 39.28 -31.06 17.37
CA GLY B 292 40.37 -30.25 17.90
C GLY B 292 40.49 -28.89 17.24
N LYS B 293 39.63 -28.63 16.25
CA LYS B 293 39.64 -27.36 15.54
C LYS B 293 38.58 -26.40 16.07
N ASP B 294 39.00 -25.21 16.49
CA ASP B 294 38.09 -24.21 17.01
C ASP B 294 37.30 -23.54 15.88
N VAL B 295 37.97 -23.30 14.76
CA VAL B 295 37.33 -22.70 13.60
C VAL B 295 37.69 -23.57 12.39
N GLN B 296 36.69 -24.01 11.65
CA GLN B 296 36.93 -24.86 10.49
C GLN B 296 35.94 -24.64 9.34
N ARG B 297 36.42 -24.83 8.12
CA ARG B 297 35.59 -24.65 6.93
C ARG B 297 34.75 -25.88 6.64
N SER B 298 33.64 -25.67 5.97
CA SER B 298 32.74 -26.76 5.59
C SER B 298 32.08 -26.35 4.28
N GLU B 299 31.73 -27.33 3.47
CA GLU B 299 31.07 -27.07 2.20
C GLU B 299 29.57 -27.17 2.42
N ILE B 300 29.18 -27.51 3.65
CA ILE B 300 27.77 -27.65 4.00
C ILE B 300 27.20 -26.33 4.52
N TYR B 301 26.05 -25.95 3.97
CA TYR B 301 25.37 -24.73 4.37
C TYR B 301 24.17 -25.11 5.23
N LEU B 302 24.23 -24.76 6.51
CA LEU B 302 23.15 -25.07 7.45
C LEU B 302 21.87 -24.34 7.07
N GLN B 303 22.03 -23.24 6.34
CA GLN B 303 20.93 -22.39 5.88
C GLN B 303 21.21 -21.96 4.45
N LYS B 304 20.16 -21.77 3.66
CA LYS B 304 20.35 -21.36 2.28
C LYS B 304 20.16 -19.84 2.14
N ALA B 305 20.48 -19.31 0.97
CA ALA B 305 20.35 -17.88 0.70
C ALA B 305 18.91 -17.41 0.86
N TYR B 306 18.75 -16.10 1.06
CA TYR B 306 17.43 -15.50 1.24
C TYR B 306 16.42 -15.90 0.18
N SER B 307 16.85 -15.96 -1.08
CA SER B 307 15.95 -16.30 -2.18
C SER B 307 15.32 -17.69 -2.07
N LEU B 308 15.83 -18.51 -1.15
CA LEU B 308 15.31 -19.87 -0.95
C LEU B 308 14.92 -20.09 0.51
N ARG B 309 14.90 -19.01 1.28
CA ARG B 309 14.58 -19.11 2.70
C ARG B 309 13.61 -18.03 3.19
N ALA B 310 13.65 -16.85 2.58
CA ALA B 310 12.78 -15.75 2.96
C ALA B 310 11.51 -15.67 2.11
N ILE B 311 11.13 -16.80 1.53
CA ILE B 311 9.96 -16.86 0.68
C ILE B 311 8.65 -16.53 1.41
N PRO B 312 8.43 -17.10 2.60
CA PRO B 312 7.18 -16.78 3.30
C PRO B 312 7.08 -15.29 3.62
N GLN B 313 8.19 -14.69 4.02
CA GLN B 313 8.23 -13.27 4.37
C GLN B 313 7.96 -12.33 3.20
N VAL B 314 8.64 -12.56 2.08
CA VAL B 314 8.49 -11.73 0.89
C VAL B 314 7.19 -11.97 0.11
N VAL B 315 6.93 -13.22 -0.29
CA VAL B 315 5.71 -13.53 -1.02
C VAL B 315 4.52 -13.29 -0.09
N GLY B 316 4.75 -13.45 1.22
CA GLY B 316 3.69 -13.21 2.19
C GLY B 316 3.31 -11.74 2.23
N ALA B 317 4.32 -10.86 2.17
CA ALA B 317 4.08 -9.43 2.17
C ALA B 317 3.32 -9.05 0.90
N VAL B 318 3.69 -9.69 -0.20
CA VAL B 318 3.02 -9.46 -1.48
C VAL B 318 1.55 -9.85 -1.34
N ARG B 319 1.30 -11.03 -0.76
CA ARG B 319 -0.07 -11.50 -0.52
C ARG B 319 -0.87 -10.53 0.32
N ASP B 320 -0.28 -10.06 1.43
CA ASP B 320 -0.95 -9.11 2.31
C ASP B 320 -1.42 -7.90 1.50
N THR B 321 -0.56 -7.41 0.61
CA THR B 321 -0.88 -6.26 -0.21
C THR B 321 -2.05 -6.60 -1.15
N LEU B 322 -1.97 -7.78 -1.75
CA LEU B 322 -3.01 -8.22 -2.69
C LEU B 322 -4.34 -8.42 -1.96
N TYR B 323 -4.28 -8.92 -0.72
CA TYR B 323 -5.49 -9.12 0.07
C TYR B 323 -6.16 -7.78 0.35
N HIS B 324 -5.35 -6.79 0.70
CA HIS B 324 -5.87 -5.46 1.00
C HIS B 324 -6.52 -4.85 -0.23
N ALA B 325 -5.86 -4.99 -1.38
CA ALA B 325 -6.38 -4.45 -2.63
C ALA B 325 -7.69 -5.12 -3.03
N ARG B 326 -7.76 -6.45 -2.89
CA ARG B 326 -8.97 -7.16 -3.26
C ARG B 326 -10.11 -6.72 -2.37
N HIS B 327 -9.82 -6.49 -1.10
CA HIS B 327 -10.82 -6.05 -0.15
C HIS B 327 -11.38 -4.67 -0.58
N LYS B 328 -10.48 -3.75 -0.93
CA LYS B 328 -10.87 -2.42 -1.37
C LYS B 328 -11.72 -2.51 -2.64
N LEU B 329 -11.30 -3.36 -3.58
CA LEU B 329 -12.03 -3.53 -4.83
C LEU B 329 -13.42 -4.10 -4.63
N ARG B 330 -13.54 -5.05 -3.70
CA ARG B 330 -14.83 -5.66 -3.40
C ARG B 330 -15.78 -4.57 -2.89
N ILE B 331 -15.28 -3.75 -1.97
CA ILE B 331 -16.06 -2.64 -1.44
C ILE B 331 -16.47 -1.68 -2.57
N GLU B 332 -15.53 -1.36 -3.45
CA GLU B 332 -15.76 -0.39 -4.50
C GLU B 332 -16.78 -0.91 -5.51
N LEU B 333 -16.62 -2.17 -5.90
CA LEU B 333 -17.54 -2.80 -6.84
C LEU B 333 -18.99 -2.66 -6.37
N ASN B 334 -19.20 -2.83 -5.08
CA ASN B 334 -20.54 -2.78 -4.51
C ASN B 334 -20.84 -1.46 -3.84
N SER B 335 -20.34 -0.38 -4.44
CA SER B 335 -20.56 0.95 -3.90
C SER B 335 -21.26 1.75 -4.96
N ALA B 336 -21.84 2.87 -4.57
CA ALA B 336 -22.50 3.75 -5.52
C ALA B 336 -21.47 4.82 -5.85
N ASN B 337 -20.52 4.48 -6.71
CA ASN B 337 -19.50 5.42 -7.12
C ASN B 337 -20.10 6.17 -8.29
N ASP B 338 -20.85 7.20 -7.93
CA ASP B 338 -21.56 8.04 -8.88
C ASP B 338 -21.93 9.31 -8.13
N ASN B 339 -22.44 10.31 -8.85
CA ASN B 339 -22.83 11.58 -8.24
C ASN B 339 -23.67 12.37 -9.23
N PRO B 340 -24.75 13.00 -8.76
CA PRO B 340 -25.18 12.98 -7.36
C PRO B 340 -25.87 11.65 -7.08
N LEU B 341 -26.31 11.43 -5.85
CA LEU B 341 -26.96 10.16 -5.49
C LEU B 341 -28.34 10.34 -4.86
N PHE B 342 -29.21 9.36 -5.11
CA PHE B 342 -30.56 9.40 -4.57
C PHE B 342 -30.71 8.50 -3.36
N PHE B 343 -31.33 9.04 -2.32
CA PHE B 343 -31.60 8.31 -1.09
C PHE B 343 -33.03 8.73 -0.74
N GLU B 344 -33.95 7.77 -0.76
CA GLU B 344 -35.34 8.08 -0.46
C GLU B 344 -35.54 8.89 0.82
N GLY B 345 -36.42 9.88 0.73
CA GLY B 345 -36.71 10.71 1.89
C GLY B 345 -35.58 11.65 2.27
N LYS B 346 -34.66 11.90 1.34
CA LYS B 346 -33.54 12.79 1.63
C LYS B 346 -33.21 13.69 0.45
N GLU B 347 -32.51 14.77 0.72
CA GLU B 347 -32.09 15.69 -0.33
C GLU B 347 -31.16 14.89 -1.23
N ILE B 348 -31.00 15.31 -2.48
CA ILE B 348 -30.11 14.61 -3.38
C ILE B 348 -28.67 14.85 -2.91
N PHE B 349 -27.96 13.74 -2.67
CA PHE B 349 -26.58 13.79 -2.19
C PHE B 349 -25.60 14.30 -3.24
N HIS B 350 -24.89 15.38 -2.91
CA HIS B 350 -23.90 15.95 -3.82
C HIS B 350 -22.52 15.84 -3.19
N GLY B 351 -21.81 14.76 -3.53
CA GLY B 351 -20.49 14.54 -2.98
C GLY B 351 -19.43 14.24 -4.02
N ALA B 352 -18.57 13.28 -3.73
CA ALA B 352 -17.50 12.92 -4.64
C ALA B 352 -17.20 11.42 -4.65
N ASN B 353 -18.24 10.59 -4.67
CA ASN B 353 -18.01 9.15 -4.66
C ASN B 353 -17.46 8.61 -5.97
N PHE B 354 -17.19 9.52 -6.90
CA PHE B 354 -16.62 9.18 -8.20
C PHE B 354 -15.09 9.20 -8.06
N HIS B 355 -14.62 9.77 -6.95
CA HIS B 355 -13.17 9.90 -6.71
C HIS B 355 -12.51 8.56 -6.43
N GLY B 356 -11.65 8.13 -7.34
CA GLY B 356 -10.98 6.85 -7.19
C GLY B 356 -9.77 6.73 -6.29
N GLN B 357 -9.54 7.68 -5.38
CA GLN B 357 -8.37 7.59 -4.51
C GLN B 357 -8.21 6.22 -3.82
N PRO B 358 -9.27 5.69 -3.20
CA PRO B 358 -9.11 4.39 -2.54
C PRO B 358 -8.54 3.30 -3.45
N ILE B 359 -8.95 3.28 -4.71
CA ILE B 359 -8.47 2.28 -5.64
C ILE B 359 -7.13 2.68 -6.26
N ALA B 360 -6.94 3.97 -6.48
CA ALA B 360 -5.68 4.44 -7.06
C ALA B 360 -4.55 4.00 -6.12
N PHE B 361 -4.76 4.20 -4.82
CA PHE B 361 -3.77 3.82 -3.81
C PHE B 361 -3.56 2.31 -3.87
N ALA B 362 -4.67 1.57 -3.79
CA ALA B 362 -4.62 0.12 -3.81
C ALA B 362 -3.79 -0.44 -4.97
N MET B 363 -4.03 0.06 -6.18
CA MET B 363 -3.31 -0.41 -7.36
C MET B 363 -1.85 0.00 -7.39
N ASP B 364 -1.52 1.19 -6.90
CA ASP B 364 -0.12 1.63 -6.85
C ASP B 364 0.61 0.66 -5.90
N PHE B 365 -0.07 0.21 -4.85
CA PHE B 365 0.54 -0.72 -3.91
C PHE B 365 0.76 -2.08 -4.55
N VAL B 366 -0.19 -2.52 -5.38
CA VAL B 366 -0.07 -3.80 -6.08
C VAL B 366 1.15 -3.74 -7.02
N THR B 367 1.34 -2.60 -7.67
CA THR B 367 2.47 -2.42 -8.58
C THR B 367 3.77 -2.66 -7.83
N ILE B 368 3.88 -2.05 -6.64
CA ILE B 368 5.07 -2.17 -5.80
C ILE B 368 5.30 -3.61 -5.34
N ALA B 369 4.24 -4.24 -4.83
CA ALA B 369 4.36 -5.62 -4.36
C ALA B 369 4.76 -6.58 -5.47
N LEU B 370 4.09 -6.49 -6.61
CA LEU B 370 4.40 -7.37 -7.73
C LEU B 370 5.82 -7.15 -8.25
N THR B 371 6.31 -5.92 -8.18
CA THR B 371 7.67 -5.65 -8.63
C THR B 371 8.63 -6.50 -7.79
N GLN B 372 8.41 -6.50 -6.47
CA GLN B 372 9.26 -7.28 -5.56
C GLN B 372 9.12 -8.79 -5.80
N LEU B 373 7.92 -9.22 -6.20
CA LEU B 373 7.70 -10.64 -6.47
C LEU B 373 8.62 -11.04 -7.62
N GLY B 374 8.74 -10.15 -8.60
CA GLY B 374 9.60 -10.38 -9.75
C GLY B 374 11.07 -10.29 -9.39
N VAL B 375 11.39 -9.40 -8.47
CA VAL B 375 12.78 -9.24 -8.01
C VAL B 375 13.24 -10.58 -7.41
N LEU B 376 12.39 -11.17 -6.59
CA LEU B 376 12.68 -12.45 -5.96
C LEU B 376 12.85 -13.56 -6.98
N ALA B 377 11.91 -13.66 -7.91
CA ALA B 377 11.96 -14.69 -8.95
C ALA B 377 13.25 -14.57 -9.76
N GLU B 378 13.61 -13.34 -10.13
CA GLU B 378 14.80 -13.11 -10.92
C GLU B 378 16.07 -13.54 -10.19
N ARG B 379 16.14 -13.28 -8.89
CA ARG B 379 17.31 -13.67 -8.11
C ARG B 379 17.37 -15.19 -7.92
N GLN B 380 16.21 -15.85 -7.99
CA GLN B 380 16.18 -17.31 -7.87
C GLN B 380 16.75 -17.91 -9.16
N ILE B 381 16.49 -17.24 -10.28
CA ILE B 381 17.02 -17.68 -11.57
C ILE B 381 18.55 -17.54 -11.51
N ASN B 382 19.02 -16.41 -11.00
CA ASN B 382 20.45 -16.15 -10.89
C ASN B 382 21.13 -17.25 -10.07
N ARG B 383 20.43 -17.68 -9.04
CA ARG B 383 20.89 -18.71 -8.11
C ARG B 383 21.19 -20.04 -8.79
N VAL B 384 20.31 -20.50 -9.67
CA VAL B 384 20.53 -21.78 -10.32
C VAL B 384 21.46 -21.74 -11.53
N LEU B 385 21.66 -20.56 -12.11
CA LEU B 385 22.54 -20.45 -13.28
C LEU B 385 23.99 -20.18 -12.89
N ASN B 386 24.19 -19.68 -11.67
CA ASN B 386 25.53 -19.36 -11.19
C ASN B 386 26.12 -20.57 -10.47
N ARG B 387 27.13 -21.19 -11.08
CA ARG B 387 27.76 -22.37 -10.51
C ARG B 387 28.25 -22.17 -9.07
N HIS B 388 28.57 -20.92 -8.72
CA HIS B 388 29.05 -20.61 -7.38
C HIS B 388 27.91 -20.64 -6.36
N LEU B 389 26.68 -20.62 -6.85
CA LEU B 389 25.52 -20.61 -5.98
C LEU B 389 24.57 -21.80 -6.16
N SER B 390 24.56 -22.38 -7.36
CA SER B 390 23.66 -23.49 -7.69
C SER B 390 23.73 -24.74 -6.82
N TYR B 391 24.87 -24.96 -6.16
CA TYR B 391 25.03 -26.12 -5.29
C TYR B 391 25.22 -27.41 -6.10
N GLY B 392 26.29 -27.47 -6.91
CA GLY B 392 26.55 -28.67 -7.68
C GLY B 392 26.10 -28.71 -9.14
N LEU B 393 25.23 -27.79 -9.54
CA LEU B 393 24.76 -27.75 -10.92
C LEU B 393 25.79 -27.13 -11.86
N PRO B 394 25.82 -27.55 -13.13
CA PRO B 394 26.77 -27.01 -14.11
C PRO B 394 26.47 -25.54 -14.39
N GLU B 395 27.50 -24.79 -14.75
CA GLU B 395 27.33 -23.37 -15.04
C GLU B 395 26.25 -23.10 -16.09
N PHE B 396 25.33 -22.20 -15.73
CA PHE B 396 24.24 -21.80 -16.61
C PHE B 396 23.43 -22.97 -17.14
N LEU B 397 23.43 -24.05 -16.37
CA LEU B 397 22.68 -25.25 -16.73
C LEU B 397 23.01 -25.81 -18.11
N VAL B 398 24.29 -25.75 -18.49
CA VAL B 398 24.71 -26.29 -19.78
C VAL B 398 24.81 -27.81 -19.63
N SER B 399 24.12 -28.54 -20.48
CA SER B 399 24.15 -30.00 -20.40
C SER B 399 25.34 -30.59 -21.14
N GLY B 400 25.83 -29.88 -22.15
CA GLY B 400 26.97 -30.37 -22.91
C GLY B 400 28.28 -29.72 -22.52
N ASP B 401 28.98 -29.16 -23.50
CA ASP B 401 30.26 -28.50 -23.27
C ASP B 401 30.08 -27.00 -23.07
N PRO B 402 30.28 -26.51 -21.84
CA PRO B 402 30.12 -25.07 -21.61
C PRO B 402 31.12 -24.26 -22.45
N GLY B 403 30.81 -22.99 -22.66
CA GLY B 403 31.68 -22.16 -23.49
C GLY B 403 31.21 -22.33 -24.91
N LEU B 404 31.36 -23.54 -25.44
CA LEU B 404 30.90 -23.84 -26.80
C LEU B 404 29.41 -23.63 -26.78
N HIS B 405 28.79 -23.99 -25.65
CA HIS B 405 27.36 -23.82 -25.45
C HIS B 405 27.17 -22.89 -24.25
N SER B 406 26.20 -21.99 -24.33
CA SER B 406 25.93 -21.06 -23.24
C SER B 406 24.73 -21.48 -22.40
N GLY B 407 23.95 -22.43 -22.91
CA GLY B 407 22.78 -22.91 -22.19
C GLY B 407 21.74 -21.85 -21.93
N PHE B 408 21.50 -21.55 -20.66
CA PHE B 408 20.50 -20.55 -20.26
C PHE B 408 21.11 -19.17 -19.99
N ALA B 409 22.38 -18.99 -20.32
CA ALA B 409 23.05 -17.71 -20.07
C ALA B 409 22.30 -16.53 -20.69
N GLY B 410 21.95 -16.64 -21.96
CA GLY B 410 21.24 -15.55 -22.64
C GLY B 410 19.79 -15.38 -22.21
N ALA B 411 19.20 -16.44 -21.67
CA ALA B 411 17.80 -16.41 -21.22
C ALA B 411 17.63 -15.63 -19.91
N GLN B 412 18.71 -15.47 -19.16
CA GLN B 412 18.61 -14.72 -17.91
C GLN B 412 18.39 -13.22 -18.16
N TYR B 413 19.01 -12.70 -19.21
CA TYR B 413 18.92 -11.28 -19.51
C TYR B 413 17.51 -10.66 -19.59
N PRO B 414 16.57 -11.31 -20.31
CA PRO B 414 15.23 -10.71 -20.37
C PRO B 414 14.60 -10.62 -18.98
N ALA B 415 14.90 -11.58 -18.12
CA ALA B 415 14.35 -11.58 -16.76
C ALA B 415 14.98 -10.43 -15.97
N THR B 416 16.31 -10.30 -16.07
CA THR B 416 17.01 -9.23 -15.36
C THR B 416 16.55 -7.86 -15.85
N ALA B 417 16.42 -7.72 -17.17
CA ALA B 417 15.98 -6.47 -17.78
C ALA B 417 14.57 -6.05 -17.36
N LEU B 418 13.70 -7.04 -17.13
CA LEU B 418 12.33 -6.74 -16.73
C LEU B 418 12.23 -6.25 -15.30
N VAL B 419 13.16 -6.69 -14.45
CA VAL B 419 13.17 -6.23 -13.06
C VAL B 419 13.50 -4.73 -13.10
N ALA B 420 14.49 -4.36 -13.91
CA ALA B 420 14.89 -2.97 -14.06
C ALA B 420 13.73 -2.15 -14.62
N GLU B 421 13.06 -2.68 -15.64
CA GLU B 421 11.93 -1.97 -16.25
C GLU B 421 10.77 -1.76 -15.27
N ASN B 422 10.46 -2.77 -14.47
CA ASN B 422 9.36 -2.60 -13.51
C ASN B 422 9.73 -1.52 -12.50
N ARG B 423 11.03 -1.43 -12.19
CA ARG B 423 11.52 -0.43 -11.25
C ARG B 423 11.44 1.00 -11.79
N THR B 424 11.19 1.14 -13.09
CA THR B 424 11.07 2.49 -13.69
C THR B 424 9.60 2.94 -13.65
N ILE B 425 8.74 2.10 -13.11
CA ILE B 425 7.32 2.42 -13.02
C ILE B 425 7.02 3.05 -11.66
N GLY B 426 6.71 4.35 -11.67
CA GLY B 426 6.42 5.05 -10.44
C GLY B 426 4.94 5.16 -10.11
N PRO B 427 4.62 5.48 -8.86
CA PRO B 427 3.24 5.63 -8.38
C PRO B 427 2.50 6.71 -9.15
N ALA B 428 1.24 6.44 -9.49
CA ALA B 428 0.43 7.42 -10.22
C ALA B 428 -0.58 8.12 -9.30
N SER B 429 -0.99 7.45 -8.23
CA SER B 429 -2.01 7.99 -7.33
C SER B 429 -1.67 9.33 -6.69
N THR B 430 -0.40 9.71 -6.77
CA THR B 430 0.06 10.97 -6.19
C THR B 430 0.29 12.07 -7.22
N GLN B 431 0.13 11.72 -8.50
CA GLN B 431 0.39 12.67 -9.59
C GLN B 431 -0.76 13.53 -10.11
N SER B 432 -1.70 13.86 -9.23
CA SER B 432 -2.82 14.71 -9.61
C SER B 432 -2.35 16.02 -10.23
N VAL B 433 -3.06 16.46 -11.27
CA VAL B 433 -2.78 17.73 -11.94
C VAL B 433 -4.14 18.41 -12.05
N PRO B 434 -4.29 19.63 -11.52
CA PRO B 434 -5.57 20.34 -11.59
C PRO B 434 -6.05 20.68 -13.00
N SER B 435 -7.35 20.53 -13.23
CA SER B 435 -7.94 20.83 -14.53
C SER B 435 -9.38 21.29 -14.38
N ASN B 436 -10.01 21.57 -15.51
CA ASN B 436 -11.41 22.02 -15.53
C ASN B 436 -11.59 23.30 -14.70
N GLY B 437 -10.81 24.33 -15.05
CA GLY B 437 -10.89 25.59 -14.34
C GLY B 437 -10.71 25.45 -12.84
N ASP B 438 -9.89 24.47 -12.45
CA ASP B 438 -9.62 24.20 -11.04
C ASP B 438 -10.75 23.49 -10.29
N ASN B 439 -11.82 23.12 -10.99
CA ASN B 439 -12.91 22.41 -10.31
C ASN B 439 -12.41 21.03 -9.88
N GLN B 440 -11.62 20.40 -10.74
CA GLN B 440 -11.04 19.10 -10.43
C GLN B 440 -9.60 19.40 -10.03
N ASP B 441 -9.43 20.00 -8.86
CA ASP B 441 -8.10 20.35 -8.40
C ASP B 441 -7.33 19.24 -7.69
N VAL B 442 -8.02 18.14 -7.40
CA VAL B 442 -7.40 16.97 -6.78
C VAL B 442 -8.02 15.68 -7.32
N VAL B 443 -7.27 14.98 -8.18
CA VAL B 443 -7.75 13.73 -8.77
C VAL B 443 -6.88 12.56 -8.34
N SER B 444 -7.26 11.33 -8.71
CA SER B 444 -6.50 10.15 -8.29
C SER B 444 -5.63 9.43 -9.34
N MET B 445 -5.90 9.66 -10.62
CA MET B 445 -5.13 8.99 -11.68
C MET B 445 -5.16 7.46 -11.50
N GLY B 446 -6.19 6.97 -10.82
CA GLY B 446 -6.33 5.55 -10.55
C GLY B 446 -6.27 4.56 -11.70
N LEU B 447 -6.72 4.95 -12.90
CA LEU B 447 -6.68 4.01 -14.01
C LEU B 447 -5.22 3.85 -14.47
N ILE B 448 -4.42 4.90 -14.32
CA ILE B 448 -3.01 4.81 -14.67
C ILE B 448 -2.39 3.82 -13.67
N SER B 449 -2.75 3.95 -12.40
CA SER B 449 -2.24 3.07 -11.35
C SER B 449 -2.57 1.61 -11.69
N ALA B 450 -3.79 1.37 -12.16
CA ALA B 450 -4.25 0.03 -12.53
C ALA B 450 -3.50 -0.50 -13.75
N ARG B 451 -3.22 0.38 -14.71
CA ARG B 451 -2.49 -0.05 -15.91
C ARG B 451 -1.01 -0.30 -15.58
N ASN B 452 -0.49 0.41 -14.58
CA ASN B 452 0.90 0.19 -14.16
C ASN B 452 0.99 -1.22 -13.58
N ALA B 453 0.02 -1.57 -12.74
CA ALA B 453 -0.02 -2.88 -12.09
C ALA B 453 -0.16 -4.00 -13.12
N ARG B 454 -1.00 -3.78 -14.13
CA ARG B 454 -1.19 -4.76 -15.19
C ARG B 454 0.14 -5.00 -15.90
N ARG B 455 0.89 -3.93 -16.10
CA ARG B 455 2.18 -4.03 -16.80
C ARG B 455 3.18 -4.89 -16.03
N VAL B 456 3.32 -4.64 -14.72
CA VAL B 456 4.25 -5.43 -13.90
C VAL B 456 3.77 -6.88 -13.88
N LEU B 457 2.45 -7.06 -13.77
CA LEU B 457 1.87 -8.40 -13.76
C LEU B 457 2.32 -9.13 -15.02
N SER B 458 2.15 -8.46 -16.17
CA SER B 458 2.52 -9.04 -17.46
C SER B 458 4.01 -9.32 -17.57
N ASN B 459 4.84 -8.40 -17.09
CA ASN B 459 6.29 -8.58 -17.13
C ASN B 459 6.72 -9.74 -16.24
N ASN B 460 6.07 -9.89 -15.08
CA ASN B 460 6.40 -10.97 -14.16
C ASN B 460 6.18 -12.35 -14.78
N ASN B 461 5.17 -12.47 -15.65
CA ASN B 461 4.93 -13.75 -16.30
C ASN B 461 6.11 -14.15 -17.18
N LYS B 462 6.80 -13.18 -17.76
CA LYS B 462 7.97 -13.47 -18.59
C LYS B 462 9.13 -13.88 -17.67
N ILE B 463 9.23 -13.22 -16.52
CA ILE B 463 10.30 -13.54 -15.57
C ILE B 463 10.08 -14.94 -15.03
N LEU B 464 8.85 -15.26 -14.65
CA LEU B 464 8.53 -16.57 -14.13
C LEU B 464 8.73 -17.63 -15.21
N ALA B 465 8.44 -17.26 -16.46
CA ALA B 465 8.59 -18.20 -17.57
C ALA B 465 10.03 -18.71 -17.61
N VAL B 466 10.98 -17.78 -17.52
CA VAL B 466 12.38 -18.17 -17.53
C VAL B 466 12.70 -19.02 -16.31
N GLU B 467 12.09 -18.70 -15.17
CA GLU B 467 12.35 -19.49 -13.97
C GLU B 467 11.81 -20.92 -14.11
N TYR B 468 10.61 -21.07 -14.66
CA TYR B 468 10.05 -22.42 -14.83
C TYR B 468 10.91 -23.25 -15.77
N LEU B 469 11.44 -22.60 -16.82
CA LEU B 469 12.29 -23.30 -17.77
C LEU B 469 13.62 -23.68 -17.13
N ALA B 470 14.19 -22.77 -16.34
CA ALA B 470 15.46 -23.05 -15.67
C ALA B 470 15.31 -24.16 -14.63
N ALA B 471 14.18 -24.17 -13.92
CA ALA B 471 13.92 -25.19 -12.90
C ALA B 471 13.83 -26.59 -13.50
N ALA B 472 13.05 -26.72 -14.57
CA ALA B 472 12.89 -28.01 -15.25
C ALA B 472 14.25 -28.48 -15.79
N GLN B 473 15.00 -27.54 -16.36
CA GLN B 473 16.32 -27.87 -16.91
C GLN B 473 17.22 -28.37 -15.79
N ALA B 474 17.12 -27.73 -14.62
CA ALA B 474 17.93 -28.12 -13.46
C ALA B 474 17.60 -29.54 -13.01
N VAL B 475 16.33 -29.90 -13.11
CA VAL B 475 15.88 -31.24 -12.75
C VAL B 475 16.47 -32.24 -13.73
N ASP B 476 16.46 -31.89 -15.02
CA ASP B 476 17.00 -32.76 -16.05
C ASP B 476 18.50 -32.98 -15.92
N ILE B 477 19.24 -31.90 -15.73
CA ILE B 477 20.69 -31.98 -15.62
C ILE B 477 21.18 -32.71 -14.37
N SER B 478 20.43 -32.62 -13.28
CA SER B 478 20.82 -33.27 -12.04
C SER B 478 20.26 -34.69 -11.94
N GLY B 479 19.35 -35.03 -12.85
CA GLY B 479 18.75 -36.35 -12.84
C GLY B 479 17.97 -36.58 -11.55
N ARG B 480 17.31 -35.54 -11.06
CA ARG B 480 16.56 -35.62 -9.81
C ARG B 480 15.05 -35.76 -9.92
N PHE B 481 14.55 -36.07 -11.12
CA PHE B 481 13.11 -36.22 -11.32
C PHE B 481 12.43 -37.21 -10.38
N ASP B 482 12.99 -38.41 -10.25
CA ASP B 482 12.39 -39.42 -9.38
C ASP B 482 12.36 -39.03 -7.91
N GLY B 483 13.13 -38.01 -7.55
CA GLY B 483 13.16 -37.58 -6.16
C GLY B 483 12.17 -36.46 -5.89
N LEU B 484 11.59 -35.93 -6.96
CA LEU B 484 10.63 -34.84 -6.85
C LEU B 484 9.33 -35.27 -6.17
N SER B 485 8.69 -34.33 -5.48
CA SER B 485 7.42 -34.60 -4.81
C SER B 485 6.35 -34.71 -5.89
N PRO B 486 5.11 -35.05 -5.50
CA PRO B 486 4.04 -35.17 -6.49
C PRO B 486 3.78 -33.84 -7.21
N ALA B 487 3.74 -32.75 -6.45
CA ALA B 487 3.51 -31.44 -7.04
C ALA B 487 4.65 -31.04 -7.98
N ALA B 488 5.88 -31.31 -7.56
CA ALA B 488 7.05 -30.97 -8.38
C ALA B 488 7.06 -31.76 -9.69
N LYS B 489 6.78 -33.06 -9.62
CA LYS B 489 6.75 -33.87 -10.84
C LYS B 489 5.69 -33.29 -11.79
N ALA B 490 4.57 -32.87 -11.21
CA ALA B 490 3.48 -32.29 -11.99
C ALA B 490 3.92 -30.98 -12.64
N THR B 491 4.62 -30.14 -11.88
CA THR B 491 5.08 -28.86 -12.40
C THR B 491 6.08 -29.14 -13.53
N TYR B 492 7.00 -30.06 -13.28
CA TYR B 492 8.00 -30.42 -14.27
C TYR B 492 7.34 -30.92 -15.56
N GLU B 493 6.38 -31.83 -15.44
CA GLU B 493 5.69 -32.37 -16.62
C GLU B 493 4.92 -31.29 -17.36
N ALA B 494 4.36 -30.33 -16.63
CA ALA B 494 3.61 -29.25 -17.25
C ALA B 494 4.53 -28.47 -18.18
N VAL B 495 5.69 -28.09 -17.67
CA VAL B 495 6.68 -27.37 -18.46
C VAL B 495 7.11 -28.18 -19.67
N ARG B 496 7.45 -29.45 -19.44
CA ARG B 496 8.02 -30.29 -20.48
C ARG B 496 6.99 -30.58 -21.58
N ARG B 497 5.71 -30.47 -21.23
CA ARG B 497 4.64 -30.60 -22.21
C ARG B 497 4.71 -29.49 -23.25
N LEU B 498 5.24 -28.34 -22.86
CA LEU B 498 5.33 -27.19 -23.75
C LEU B 498 6.71 -27.11 -24.40
N VAL B 499 7.76 -27.22 -23.58
CA VAL B 499 9.13 -27.07 -24.06
C VAL B 499 10.04 -28.23 -23.64
N PRO B 500 10.84 -28.74 -24.59
CA PRO B 500 11.77 -29.85 -24.34
C PRO B 500 13.00 -29.44 -23.54
N THR B 501 13.72 -30.44 -23.04
CA THR B 501 14.95 -30.22 -22.29
C THR B 501 15.91 -29.48 -23.23
N LEU B 502 16.83 -28.70 -22.66
CA LEU B 502 17.78 -27.98 -23.50
C LEU B 502 19.05 -28.79 -23.71
N GLY B 503 19.17 -29.39 -24.89
CA GLY B 503 20.36 -30.17 -25.19
C GLY B 503 21.40 -29.17 -25.66
N VAL B 504 21.48 -28.96 -26.96
CA VAL B 504 22.42 -27.99 -27.52
C VAL B 504 21.73 -26.63 -27.51
N ASP B 505 22.51 -25.56 -27.56
CA ASP B 505 21.92 -24.22 -27.56
C ASP B 505 20.90 -24.10 -28.69
N ARG B 506 19.90 -23.26 -28.49
CA ARG B 506 18.89 -23.05 -29.51
C ARG B 506 18.13 -21.74 -29.26
N TYR B 507 17.46 -21.25 -30.29
CA TYR B 507 16.65 -20.04 -30.24
C TYR B 507 15.75 -20.22 -29.00
N MET B 508 15.76 -19.26 -28.08
CA MET B 508 14.97 -19.36 -26.84
C MET B 508 13.65 -18.60 -26.75
N ALA B 509 13.54 -17.51 -27.51
CA ALA B 509 12.36 -16.65 -27.49
C ALA B 509 11.00 -17.35 -27.59
N ASP B 510 10.86 -18.30 -28.52
CA ASP B 510 9.59 -19.00 -28.64
C ASP B 510 9.32 -19.83 -27.39
N ASP B 511 10.35 -20.47 -26.85
CA ASP B 511 10.19 -21.28 -25.64
C ASP B 511 9.73 -20.41 -24.48
N ILE B 512 10.37 -19.26 -24.32
CA ILE B 512 10.02 -18.35 -23.22
C ILE B 512 8.60 -17.82 -23.35
N GLU B 513 8.22 -17.42 -24.57
CA GLU B 513 6.89 -16.87 -24.82
C GLU B 513 5.79 -17.92 -24.59
N LEU B 514 6.09 -19.17 -24.94
CA LEU B 514 5.12 -20.25 -24.78
C LEU B 514 4.78 -20.46 -23.30
N VAL B 515 5.80 -20.50 -22.46
CA VAL B 515 5.60 -20.71 -21.02
C VAL B 515 5.00 -19.45 -20.37
N ALA B 516 5.36 -18.29 -20.89
CA ALA B 516 4.84 -17.02 -20.38
C ALA B 516 3.32 -17.00 -20.62
N ASP B 517 2.90 -17.46 -21.78
CA ASP B 517 1.48 -17.52 -22.12
C ASP B 517 0.75 -18.52 -21.25
N ALA B 518 1.41 -19.63 -20.94
CA ALA B 518 0.81 -20.66 -20.10
C ALA B 518 0.58 -20.07 -18.71
N LEU B 519 1.55 -19.31 -18.22
CA LEU B 519 1.46 -18.69 -16.91
C LEU B 519 0.30 -17.70 -16.86
N SER B 520 0.16 -16.90 -17.92
CA SER B 520 -0.89 -15.90 -17.98
C SER B 520 -2.28 -16.53 -17.89
N ARG B 521 -2.44 -17.77 -18.37
CA ARG B 521 -3.75 -18.39 -18.27
C ARG B 521 -3.85 -19.37 -17.08
N GLY B 522 -2.90 -19.26 -16.17
CA GLY B 522 -2.88 -20.10 -14.97
C GLY B 522 -2.72 -21.59 -15.17
N GLU B 523 -1.97 -21.99 -16.19
CA GLU B 523 -1.75 -23.41 -16.50
C GLU B 523 -1.05 -24.23 -15.42
N PHE B 524 -0.12 -23.61 -14.69
CA PHE B 524 0.60 -24.34 -13.66
C PHE B 524 -0.22 -24.49 -12.39
N LEU B 525 -1.10 -23.53 -12.14
CA LEU B 525 -1.97 -23.58 -10.99
C LEU B 525 -2.99 -24.70 -11.28
N ARG B 526 -3.27 -24.88 -12.57
CA ARG B 526 -4.20 -25.89 -13.02
C ARG B 526 -3.57 -27.28 -12.89
N ALA B 527 -2.31 -27.41 -13.33
CA ALA B 527 -1.59 -28.68 -13.27
C ALA B 527 -1.62 -29.25 -11.86
N ILE B 528 -1.40 -28.39 -10.87
CA ILE B 528 -1.42 -28.84 -9.49
C ILE B 528 -2.82 -29.25 -9.07
N ALA B 529 -3.83 -28.56 -9.59
CA ALA B 529 -5.21 -28.88 -9.25
C ALA B 529 -5.66 -30.25 -9.77
N ARG B 530 -5.18 -30.55 -10.92
CA ARG B 530 -5.51 -31.63 -11.68
C ARG B 530 -4.75 -32.89 -11.40
N GLU B 531 -3.56 -32.72 -10.98
CA GLU B 531 -2.58 -33.78 -10.75
C GLU B 531 -2.27 -34.08 -9.28
N THR B 532 -2.69 -33.21 -8.37
CA THR B 532 -2.43 -33.43 -6.95
C THR B 532 -3.69 -33.21 -6.13
N ASP B 533 -3.62 -33.51 -4.85
CA ASP B 533 -4.75 -33.31 -3.95
C ASP B 533 -4.53 -32.01 -3.19
N ILE B 534 -3.57 -31.20 -3.66
CA ILE B 534 -3.25 -29.92 -3.03
C ILE B 534 -4.24 -28.82 -3.35
N GLN B 535 -4.65 -28.08 -2.31
CA GLN B 535 -5.57 -26.96 -2.48
C GLN B 535 -4.81 -25.72 -2.00
N LEU B 536 -4.27 -24.97 -2.94
CA LEU B 536 -3.49 -23.78 -2.60
C LEU B 536 -4.29 -22.60 -2.09
N ARG B 537 -3.70 -21.86 -1.15
CA ARG B 537 -4.32 -20.67 -0.61
C ARG B 537 -3.94 -19.54 -1.57
#